data_1F3M
#
_entry.id   1F3M
#
_cell.length_a   94.583
_cell.length_b   94.583
_cell.length_c   147.497
_cell.angle_alpha   90
_cell.angle_beta   90
_cell.angle_gamma   90
#
_symmetry.space_group_name_H-M   'P 41'
#
loop_
_entity.id
_entity.type
_entity.pdbx_description
1 polymer 'SERINE/THREONINE-PROTEIN KINASE PAK-ALPHA'
2 polymer 'SERINE/THREONINE-PROTEIN KINASE PAK-ALPHA'
3 non-polymer 'IODIDE ION'
4 water water
#
loop_
_entity_poly.entity_id
_entity_poly.type
_entity_poly.pdbx_seq_one_letter_code
_entity_poly.pdbx_strand_id
1 'polypeptide(L)' KERPEISLPSDFEHTIHVGFDAVTGEFTGMPEQWARLLQTSNITKSEQKKNPQAVLDVLEFYNSKKTSNSQKYMSFTDKS A,B
2 'polypeptide(L)'
;SDEEILEKLRSIVSVGDPKKKYTRFEKIGQGASGTVYTAMDVATGQEVAIRQMNLQQQPKKELIINEILVMRENKNPNIV
NYLDSYLVGDELWVVMEYLAGGSLTDVVTETCMDEGQIAAVCRECLQALEFLHSNQVIHRDIKSDNILLGMDGSVKLTDF
GFCAQITPEQSKRSTMVGTPYWMAPEVVTRKAYGPKVDIWSLGIMAIEMIEGEPPYLNENPLRALYLIATNGTPELQNPE
KLSAIFRDFLNRCLDMDVEKRGSAKELLQHQFLKIAKPLSSLTPLIAAAKEATKNNH
;
C,D
#
loop_
_chem_comp.id
_chem_comp.type
_chem_comp.name
_chem_comp.formula
IOD non-polymer 'IODIDE ION' 'I -1'
#
# COMPACT_ATOMS: atom_id res chain seq x y z
N PRO A 9 4.85 -4.49 2.57
CA PRO A 9 5.22 -5.17 3.80
C PRO A 9 4.42 -6.40 4.00
N SER A 10 4.24 -7.04 2.87
CA SER A 10 3.49 -8.27 2.74
C SER A 10 3.10 -8.99 4.01
N ASP A 11 1.83 -8.80 4.33
CA ASP A 11 1.18 -9.45 5.44
C ASP A 11 0.47 -10.57 4.77
N PHE A 12 0.95 -10.72 3.53
CA PHE A 12 0.47 -11.71 2.60
C PHE A 12 1.61 -12.70 2.29
N GLU A 13 2.53 -12.86 3.22
CA GLU A 13 3.61 -13.82 3.06
C GLU A 13 3.85 -14.44 4.43
N HIS A 14 4.30 -15.69 4.44
CA HIS A 14 4.56 -16.37 5.70
C HIS A 14 5.69 -17.36 5.57
N THR A 15 6.35 -17.61 6.71
CA THR A 15 7.47 -18.53 6.78
C THR A 15 7.02 -19.99 6.72
N ILE A 16 7.75 -20.80 5.97
CA ILE A 16 7.46 -22.22 5.87
C ILE A 16 8.77 -22.99 5.99
N HIS A 17 8.67 -24.26 6.33
CA HIS A 17 9.84 -25.11 6.46
C HIS A 17 9.64 -26.32 5.56
N VAL A 18 10.61 -26.55 4.67
CA VAL A 18 10.56 -27.67 3.75
C VAL A 18 11.84 -28.47 3.94
N GLY A 19 11.73 -29.78 3.80
CA GLY A 19 12.90 -30.63 3.95
C GLY A 19 13.10 -31.46 2.70
N PHE A 20 14.18 -32.24 2.67
CA PHE A 20 14.45 -33.10 1.54
C PHE A 20 14.86 -34.47 2.07
N ASP A 21 14.35 -35.53 1.44
CA ASP A 21 14.68 -36.89 1.85
C ASP A 21 15.58 -37.53 0.81
N ALA A 22 16.87 -37.61 1.13
CA ALA A 22 17.86 -38.16 0.22
C ALA A 22 17.59 -39.58 -0.26
N VAL A 23 16.96 -40.41 0.56
CA VAL A 23 16.67 -41.79 0.20
C VAL A 23 15.65 -41.88 -0.92
N THR A 24 14.49 -41.25 -0.74
CA THR A 24 13.46 -41.26 -1.77
C THR A 24 13.75 -40.18 -2.81
N GLY A 25 14.59 -39.21 -2.44
CA GLY A 25 14.90 -38.13 -3.35
C GLY A 25 13.64 -37.31 -3.57
N GLU A 26 13.00 -36.92 -2.47
CA GLU A 26 11.77 -36.13 -2.55
C GLU A 26 11.73 -35.11 -1.42
N PHE A 27 11.15 -33.94 -1.71
CA PHE A 27 11.02 -32.88 -0.71
C PHE A 27 9.85 -33.21 0.23
N THR A 28 9.93 -32.74 1.46
CA THR A 28 8.88 -32.98 2.44
C THR A 28 8.30 -31.65 2.91
N GLY A 29 6.99 -31.55 2.95
CA GLY A 29 6.37 -30.31 3.37
C GLY A 29 6.42 -29.27 2.27
N MET A 30 6.45 -29.75 1.03
CA MET A 30 6.52 -28.89 -0.14
C MET A 30 5.17 -28.26 -0.48
N PRO A 31 5.12 -26.92 -0.63
CA PRO A 31 3.84 -26.30 -0.96
C PRO A 31 3.34 -26.97 -2.23
N GLU A 32 2.03 -27.22 -2.31
CA GLU A 32 1.46 -27.90 -3.48
C GLU A 32 1.78 -27.25 -4.84
N GLN A 33 1.73 -25.92 -4.93
CA GLN A 33 2.04 -25.29 -6.22
C GLN A 33 3.53 -25.46 -6.54
N TRP A 34 4.39 -25.43 -5.51
CA TRP A 34 5.83 -25.62 -5.73
C TRP A 34 6.09 -27.05 -6.23
N ALA A 35 5.33 -28.01 -5.72
CA ALA A 35 5.46 -29.40 -6.13
C ALA A 35 5.06 -29.55 -7.60
N ARG A 36 3.96 -28.90 -7.99
CA ARG A 36 3.52 -28.97 -9.38
C ARG A 36 4.53 -28.28 -10.30
N LEU A 37 5.12 -27.19 -9.79
CA LEU A 37 6.12 -26.46 -10.58
C LEU A 37 7.36 -27.34 -10.82
N LEU A 38 7.82 -27.98 -9.74
CA LEU A 38 9.00 -28.83 -9.82
C LEU A 38 8.78 -29.99 -10.79
N GLN A 39 7.57 -30.51 -10.79
CA GLN A 39 7.18 -31.63 -11.64
C GLN A 39 7.51 -31.41 -13.13
N THR A 40 7.17 -30.23 -13.66
CA THR A 40 7.47 -29.95 -15.06
C THR A 40 8.60 -28.91 -15.23
N SER A 41 9.50 -28.84 -14.27
CA SER A 41 10.61 -27.89 -14.31
C SER A 41 11.79 -28.41 -15.13
N ASN A 42 11.80 -29.71 -15.38
CA ASN A 42 12.87 -30.38 -16.10
C ASN A 42 14.13 -30.48 -15.24
N ILE A 43 14.00 -30.14 -13.97
CA ILE A 43 15.14 -30.25 -13.06
C ILE A 43 15.15 -31.72 -12.63
N THR A 44 16.21 -32.45 -12.95
CA THR A 44 16.27 -33.88 -12.61
C THR A 44 16.38 -34.24 -11.15
N LYS A 45 16.10 -35.51 -10.88
CA LYS A 45 16.17 -36.07 -9.55
C LYS A 45 17.58 -35.88 -9.00
N SER A 46 18.58 -36.23 -9.82
CA SER A 46 19.98 -36.09 -9.41
C SER A 46 20.24 -34.65 -9.02
N GLU A 47 19.93 -33.74 -9.94
CA GLU A 47 20.16 -32.32 -9.71
C GLU A 47 19.44 -31.89 -8.44
N GLN A 48 18.26 -32.45 -8.19
CA GLN A 48 17.51 -32.12 -6.99
C GLN A 48 18.24 -32.60 -5.74
N LYS A 49 18.84 -33.78 -5.81
CA LYS A 49 19.56 -34.30 -4.65
C LYS A 49 20.92 -33.62 -4.50
N LYS A 50 21.53 -33.28 -5.62
CA LYS A 50 22.83 -32.61 -5.56
C LYS A 50 22.72 -31.30 -4.82
N ASN A 51 21.68 -30.51 -5.11
CA ASN A 51 21.54 -29.24 -4.42
C ASN A 51 20.08 -28.85 -4.12
N PRO A 52 19.48 -29.54 -3.12
CA PRO A 52 18.10 -29.34 -2.66
C PRO A 52 17.81 -27.89 -2.29
N GLN A 53 18.74 -27.29 -1.56
CA GLN A 53 18.60 -25.91 -1.11
C GLN A 53 18.47 -24.93 -2.29
N ALA A 54 19.18 -25.22 -3.37
CA ALA A 54 19.16 -24.35 -4.54
C ALA A 54 17.81 -24.45 -5.23
N VAL A 55 17.26 -25.66 -5.23
CA VAL A 55 15.98 -25.91 -5.84
C VAL A 55 14.91 -25.09 -5.12
N LEU A 56 14.96 -25.12 -3.79
CA LEU A 56 13.99 -24.37 -3.00
C LEU A 56 14.23 -22.86 -3.07
N ASP A 57 15.49 -22.45 -3.16
CA ASP A 57 15.78 -21.03 -3.26
C ASP A 57 15.18 -20.49 -4.58
N VAL A 58 15.36 -21.26 -5.64
CA VAL A 58 14.88 -20.93 -6.97
C VAL A 58 13.34 -20.86 -7.00
N LEU A 59 12.68 -21.83 -6.39
CA LEU A 59 11.21 -21.82 -6.33
C LEU A 59 10.73 -20.60 -5.56
N GLU A 60 11.41 -20.25 -4.48
CA GLU A 60 11.00 -19.09 -3.70
C GLU A 60 11.13 -17.81 -4.53
N PHE A 61 12.19 -17.72 -5.34
CA PHE A 61 12.42 -16.54 -6.16
C PHE A 61 11.34 -16.43 -7.24
N TYR A 62 10.98 -17.56 -7.84
CA TYR A 62 9.97 -17.61 -8.88
C TYR A 62 8.67 -17.11 -8.26
N ASN A 63 8.34 -17.67 -7.11
CA ASN A 63 7.12 -17.27 -6.39
C ASN A 63 7.08 -15.77 -6.14
N SER A 64 8.18 -15.22 -5.60
CA SER A 64 8.23 -13.79 -5.30
C SER A 64 8.07 -12.90 -6.53
N LYS A 65 8.47 -13.39 -7.71
CA LYS A 65 8.35 -12.59 -8.94
C LYS A 65 6.95 -12.73 -9.54
N LYS A 66 6.40 -13.94 -9.47
CA LYS A 66 5.07 -14.22 -10.01
C LYS A 66 3.96 -13.50 -9.24
N THR A 67 4.14 -13.36 -7.94
CA THR A 67 3.11 -12.72 -7.12
C THR A 67 3.30 -11.26 -6.76
N SER A 68 4.23 -10.57 -7.42
CA SER A 68 4.43 -9.15 -7.13
C SER A 68 4.03 -8.29 -8.32
N ASN A 69 3.34 -7.18 -8.04
CA ASN A 69 2.92 -6.24 -9.05
C ASN A 69 3.87 -5.10 -9.04
N SER A 70 5.14 -5.45 -8.86
CA SER A 70 6.22 -4.48 -8.73
C SER A 70 6.51 -3.67 -9.99
N GLN A 71 6.18 -2.39 -9.88
CA GLN A 71 6.52 -1.45 -10.92
C GLN A 71 7.98 -1.12 -10.64
N LYS A 72 8.82 -0.85 -11.59
CA LYS A 72 10.19 -0.62 -11.17
C LYS A 72 10.46 0.82 -10.77
N TYR A 73 11.17 0.98 -9.65
CA TYR A 73 11.56 2.28 -9.14
C TYR A 73 13.04 2.19 -8.79
N MET A 74 13.68 3.34 -8.62
CA MET A 74 15.10 3.39 -8.30
C MET A 74 15.42 2.71 -6.96
N SER A 75 16.27 1.68 -7.00
CA SER A 75 16.66 0.96 -5.79
C SER A 75 18.11 1.25 -5.43
N PHE A 76 18.38 1.45 -4.14
CA PHE A 76 19.71 1.77 -3.68
C PHE A 76 20.36 0.69 -2.81
N THR A 77 21.65 0.85 -2.54
CA THR A 77 22.41 -0.09 -1.73
C THR A 77 22.11 0.02 -0.23
N ASP A 78 22.74 -0.85 0.55
CA ASP A 78 22.56 -0.88 1.99
C ASP A 78 23.86 -0.47 2.67
N SER B 1 0.05 12.58 3.73
CA SER B 1 0.72 13.87 3.67
C SER B 1 0.81 14.36 2.23
N ASP B 2 -0.29 14.27 1.50
CA ASP B 2 -0.35 14.71 0.11
C ASP B 2 -0.27 16.24 0.04
N GLU B 3 0.12 16.86 1.14
CA GLU B 3 0.25 18.32 1.18
C GLU B 3 1.71 18.72 0.93
N GLU B 4 2.64 17.95 1.49
CA GLU B 4 4.06 18.22 1.30
C GLU B 4 4.52 17.76 -0.06
N ILE B 5 3.83 16.76 -0.63
CA ILE B 5 4.19 16.25 -1.94
C ILE B 5 4.29 17.39 -2.94
N LEU B 6 3.41 18.39 -2.81
CA LEU B 6 3.41 19.54 -3.69
C LEU B 6 4.47 20.56 -3.27
N GLU B 7 4.76 20.62 -1.97
CA GLU B 7 5.77 21.54 -1.48
C GLU B 7 7.11 21.14 -2.09
N LYS B 8 7.44 19.86 -1.97
CA LYS B 8 8.68 19.34 -2.52
C LYS B 8 8.75 19.67 -4.00
N LEU B 9 7.73 19.26 -4.74
CA LEU B 9 7.66 19.50 -6.18
C LEU B 9 7.98 20.95 -6.54
N ARG B 10 7.08 21.85 -6.16
CA ARG B 10 7.25 23.27 -6.45
C ARG B 10 8.58 23.86 -6.00
N SER B 11 9.37 23.05 -5.30
CA SER B 11 10.68 23.52 -4.84
C SER B 11 11.80 22.93 -5.69
N ILE B 12 11.42 22.18 -6.72
CA ILE B 12 12.38 21.57 -7.62
C ILE B 12 11.88 21.64 -9.07
N VAL B 13 10.58 21.86 -9.22
CA VAL B 13 9.98 21.96 -10.54
C VAL B 13 10.51 23.25 -11.18
N SER B 14 10.55 23.29 -12.51
CA SER B 14 11.06 24.46 -13.21
C SER B 14 9.98 25.47 -13.57
N VAL B 15 10.38 26.73 -13.65
CA VAL B 15 9.48 27.82 -13.99
C VAL B 15 9.37 27.89 -15.52
N GLY B 16 8.14 28.03 -16.01
CA GLY B 16 7.93 28.10 -17.45
C GLY B 16 7.02 26.97 -17.89
N ASP B 17 6.48 27.07 -19.10
CA ASP B 17 5.58 26.03 -19.60
C ASP B 17 6.21 25.24 -20.74
N PRO B 18 6.18 23.90 -20.64
CA PRO B 18 6.74 22.99 -21.65
C PRO B 18 6.22 23.25 -23.06
N LYS B 19 5.01 23.80 -23.15
CA LYS B 19 4.40 24.10 -24.44
C LYS B 19 5.11 25.25 -25.13
N LYS B 20 6.07 25.86 -24.44
CA LYS B 20 6.81 26.98 -25.00
C LYS B 20 8.28 26.64 -25.28
N LYS B 21 8.92 25.96 -24.33
CA LYS B 21 10.32 25.59 -24.47
C LYS B 21 10.55 24.33 -25.31
N TYR B 22 9.50 23.54 -25.50
CA TYR B 22 9.62 22.32 -26.29
C TYR B 22 8.60 22.33 -27.42
N THR B 23 8.90 21.60 -28.50
CA THR B 23 8.00 21.56 -29.65
C THR B 23 8.07 20.21 -30.37
N ARG B 24 7.31 20.10 -31.45
CA ARG B 24 7.27 18.88 -32.26
C ARG B 24 6.89 17.65 -31.45
N PHE B 25 5.88 17.79 -30.59
CA PHE B 25 5.42 16.70 -29.75
C PHE B 25 4.87 15.56 -30.60
N GLU B 26 5.24 14.33 -30.22
CA GLU B 26 4.78 13.14 -30.94
C GLU B 26 4.70 11.97 -29.96
N LYS B 27 3.47 11.58 -29.64
CA LYS B 27 3.19 10.49 -28.70
C LYS B 27 3.93 9.20 -29.01
N ILE B 28 4.49 8.60 -27.96
CA ILE B 28 5.22 7.35 -28.09
C ILE B 28 4.39 6.22 -27.50
N GLY B 29 4.45 6.08 -26.17
CA GLY B 29 3.70 5.05 -25.50
C GLY B 29 2.48 5.57 -24.76
N GLN B 30 1.71 4.65 -24.18
CA GLN B 30 0.49 4.98 -23.45
C GLN B 30 0.16 3.90 -22.42
N GLY B 31 0.19 4.26 -21.15
CA GLY B 31 -0.10 3.30 -20.09
C GLY B 31 -0.28 3.95 -18.73
N ALA B 32 -0.29 3.11 -17.69
CA ALA B 32 -0.46 3.59 -16.32
C ALA B 32 0.68 4.52 -15.91
N SER B 33 1.86 4.28 -16.46
CA SER B 33 3.03 5.10 -16.15
C SER B 33 2.85 6.53 -16.65
N GLY B 34 1.95 6.70 -17.62
CA GLY B 34 1.68 8.01 -18.16
C GLY B 34 1.64 8.04 -19.68
N THR B 35 1.72 9.23 -20.25
CA THR B 35 1.71 9.40 -21.70
C THR B 35 3.03 10.06 -22.11
N VAL B 36 3.86 9.32 -22.84
CA VAL B 36 5.16 9.84 -23.25
C VAL B 36 5.24 10.29 -24.72
N TYR B 37 5.72 11.51 -24.92
CA TYR B 37 5.87 12.08 -26.25
C TYR B 37 7.35 12.34 -26.53
N THR B 38 7.66 12.61 -27.80
CA THR B 38 9.03 12.92 -28.23
C THR B 38 9.06 14.36 -28.73
N ALA B 39 9.63 15.26 -27.93
CA ALA B 39 9.71 16.67 -28.30
C ALA B 39 11.15 17.13 -28.52
N MET B 40 11.30 18.43 -28.78
CA MET B 40 12.60 19.03 -29.00
C MET B 40 12.70 20.35 -28.24
N ASP B 41 13.90 20.66 -27.76
CA ASP B 41 14.13 21.90 -27.02
C ASP B 41 14.28 23.00 -28.07
N VAL B 42 13.30 23.91 -28.11
CA VAL B 42 13.30 25.01 -29.08
C VAL B 42 14.66 25.69 -29.18
N ALA B 43 15.18 26.14 -28.05
CA ALA B 43 16.46 26.83 -28.01
C ALA B 43 17.66 26.03 -28.51
N THR B 44 18.04 24.99 -27.76
CA THR B 44 19.21 24.20 -28.12
C THR B 44 19.00 23.06 -29.11
N GLY B 45 17.75 22.77 -29.45
CA GLY B 45 17.47 21.70 -30.39
C GLY B 45 17.67 20.31 -29.82
N GLN B 46 17.95 20.25 -28.51
CA GLN B 46 18.16 19.00 -27.80
C GLN B 46 16.90 18.13 -27.90
N GLU B 47 17.07 16.89 -28.37
CA GLU B 47 15.93 15.99 -28.51
C GLU B 47 15.59 15.38 -27.14
N VAL B 48 14.32 15.42 -26.75
CA VAL B 48 13.92 14.90 -25.44
C VAL B 48 12.66 14.04 -25.39
N ALA B 49 12.40 13.48 -24.21
CA ALA B 49 11.24 12.64 -23.97
C ALA B 49 10.43 13.25 -22.82
N ILE B 50 9.13 13.35 -23.02
CA ILE B 50 8.25 13.93 -22.02
C ILE B 50 7.22 12.91 -21.56
N ARG B 51 7.29 12.54 -20.29
CA ARG B 51 6.36 11.58 -19.72
C ARG B 51 5.21 12.31 -19.02
N GLN B 52 4.11 12.50 -19.75
CA GLN B 52 2.95 13.19 -19.21
C GLN B 52 2.17 12.21 -18.35
N MET B 53 2.46 12.25 -17.05
CA MET B 53 1.81 11.35 -16.09
C MET B 53 0.46 11.85 -15.59
N ASN B 54 -0.25 10.95 -14.97
CA ASN B 54 -1.51 11.19 -14.31
C ASN B 54 -1.14 11.53 -12.86
N LEU B 55 -1.18 12.81 -12.51
CA LEU B 55 -0.75 13.27 -11.18
C LEU B 55 -1.33 12.58 -9.95
N GLN B 56 -2.46 13.09 -9.43
CA GLN B 56 -3.07 12.53 -8.23
C GLN B 56 -3.44 11.06 -8.35
N GLN B 57 -3.41 10.53 -9.57
CA GLN B 57 -3.73 9.12 -9.77
C GLN B 57 -2.49 8.31 -10.13
N GLN B 58 -1.38 8.65 -9.48
CA GLN B 58 -0.11 7.96 -9.66
C GLN B 58 0.36 7.50 -8.28
N PRO B 59 0.38 6.18 -8.06
CA PRO B 59 0.79 5.51 -6.82
C PRO B 59 1.85 6.21 -5.97
N LYS B 60 3.05 5.63 -5.97
CA LYS B 60 4.18 6.14 -5.20
C LYS B 60 4.74 7.45 -5.75
N LYS B 61 4.36 8.56 -5.12
CA LYS B 61 4.82 9.87 -5.55
C LYS B 61 6.10 10.31 -4.84
N GLU B 62 6.26 9.91 -3.58
CA GLU B 62 7.46 10.27 -2.83
C GLU B 62 8.70 9.58 -3.39
N LEU B 63 8.48 8.52 -4.16
CA LEU B 63 9.58 7.79 -4.76
C LEU B 63 10.08 8.55 -5.98
N ILE B 64 9.15 8.88 -6.89
CA ILE B 64 9.49 9.63 -8.08
C ILE B 64 10.23 10.91 -7.70
N ILE B 65 9.67 11.62 -6.74
CA ILE B 65 10.25 12.87 -6.25
C ILE B 65 11.68 12.65 -5.78
N ASN B 66 11.93 11.52 -5.13
CA ASN B 66 13.26 11.21 -4.62
C ASN B 66 14.21 10.86 -5.76
N GLU B 67 13.67 10.29 -6.83
CA GLU B 67 14.46 9.93 -7.99
C GLU B 67 15.00 11.21 -8.62
N ILE B 68 14.11 12.18 -8.75
CA ILE B 68 14.43 13.46 -9.34
C ILE B 68 15.44 14.26 -8.50
N LEU B 69 15.47 14.01 -7.19
CA LEU B 69 16.40 14.72 -6.32
C LEU B 69 17.80 14.13 -6.47
N VAL B 70 17.85 12.84 -6.78
CA VAL B 70 19.14 12.15 -6.94
C VAL B 70 19.76 12.49 -8.29
N MET B 71 19.00 12.28 -9.35
CA MET B 71 19.48 12.51 -10.70
C MET B 71 19.53 13.96 -11.17
N ARG B 72 19.12 14.91 -10.33
CA ARG B 72 19.17 16.30 -10.74
C ARG B 72 20.52 16.93 -10.40
N GLU B 73 21.21 16.37 -9.42
CA GLU B 73 22.52 16.87 -9.02
C GLU B 73 23.64 16.04 -9.63
N ASN B 74 23.28 14.99 -10.37
CA ASN B 74 24.28 14.13 -10.99
C ASN B 74 23.94 13.70 -12.40
N LYS B 75 24.81 14.04 -13.34
CA LYS B 75 24.63 13.68 -14.74
C LYS B 75 25.84 12.89 -15.24
N ASN B 76 25.62 12.13 -16.32
CA ASN B 76 26.66 11.33 -16.92
C ASN B 76 26.24 11.06 -18.35
N PRO B 77 27.20 11.06 -19.29
CA PRO B 77 26.96 10.83 -20.72
C PRO B 77 26.47 9.43 -21.10
N ASN B 78 26.72 8.44 -20.25
CA ASN B 78 26.30 7.08 -20.57
C ASN B 78 24.97 6.60 -19.99
N ILE B 79 24.14 7.56 -19.56
CA ILE B 79 22.81 7.24 -19.02
C ILE B 79 21.81 8.27 -19.54
N VAL B 80 20.54 7.92 -19.52
CA VAL B 80 19.49 8.83 -19.88
C VAL B 80 19.39 9.79 -18.71
N ASN B 81 19.76 11.05 -18.90
CA ASN B 81 19.74 12.02 -17.83
C ASN B 81 18.39 12.69 -17.60
N TYR B 82 18.27 13.35 -16.45
CA TYR B 82 17.08 14.08 -16.07
C TYR B 82 17.32 15.53 -16.48
N LEU B 83 16.42 16.08 -17.29
CA LEU B 83 16.55 17.45 -17.76
C LEU B 83 15.72 18.43 -16.91
N ASP B 84 14.39 18.28 -16.97
CA ASP B 84 13.51 19.14 -16.21
C ASP B 84 12.21 18.47 -15.77
N SER B 85 11.52 19.13 -14.85
CA SER B 85 10.25 18.65 -14.33
C SER B 85 9.33 19.88 -14.25
N TYR B 86 8.09 19.73 -14.69
CA TYR B 86 7.15 20.84 -14.65
C TYR B 86 5.79 20.49 -14.07
N LEU B 87 5.01 21.53 -13.79
CA LEU B 87 3.66 21.39 -13.26
C LEU B 87 2.72 22.02 -14.27
N VAL B 88 2.18 21.21 -15.17
CA VAL B 88 1.26 21.70 -16.19
C VAL B 88 -0.17 21.44 -15.74
N GLY B 89 -0.76 22.45 -15.10
CA GLY B 89 -2.11 22.33 -14.60
C GLY B 89 -2.12 21.53 -13.32
N ASP B 90 -2.46 20.25 -13.43
CA ASP B 90 -2.52 19.36 -12.28
C ASP B 90 -1.40 18.32 -12.35
N GLU B 91 -0.89 18.09 -13.55
CA GLU B 91 0.15 17.10 -13.80
C GLU B 91 1.58 17.51 -13.42
N LEU B 92 2.45 16.51 -13.47
CA LEU B 92 3.87 16.66 -13.19
C LEU B 92 4.61 16.13 -14.42
N TRP B 93 5.19 17.03 -15.20
CA TRP B 93 5.91 16.65 -16.41
C TRP B 93 7.41 16.45 -16.18
N VAL B 94 7.89 15.25 -16.46
CA VAL B 94 9.32 14.95 -16.30
C VAL B 94 9.96 14.95 -17.68
N VAL B 95 11.07 15.69 -17.81
CA VAL B 95 11.77 15.80 -19.09
C VAL B 95 13.06 14.97 -19.05
N MET B 96 13.16 13.99 -19.94
CA MET B 96 14.33 13.13 -20.00
C MET B 96 15.03 13.21 -21.37
N GLU B 97 16.33 12.94 -21.38
CA GLU B 97 17.08 12.96 -22.63
C GLU B 97 16.46 11.91 -23.54
N TYR B 98 16.56 12.13 -24.85
CA TYR B 98 16.04 11.18 -25.81
C TYR B 98 17.15 10.86 -26.80
N LEU B 99 17.32 9.58 -27.11
CA LEU B 99 18.34 9.18 -28.05
C LEU B 99 17.72 8.38 -29.18
N ALA B 100 17.85 8.90 -30.39
CA ALA B 100 17.32 8.23 -31.57
C ALA B 100 18.26 7.08 -31.91
N GLY B 101 17.79 6.17 -32.75
CA GLY B 101 18.61 5.04 -33.13
C GLY B 101 17.86 3.75 -32.83
N GLY B 102 18.54 2.81 -32.17
CA GLY B 102 17.90 1.57 -31.83
C GLY B 102 18.35 1.08 -30.46
N SER B 103 18.45 -0.23 -30.31
CA SER B 103 18.89 -0.82 -29.06
C SER B 103 19.91 -1.88 -29.38
N LEU B 104 20.75 -2.18 -28.40
CA LEU B 104 21.76 -3.21 -28.58
C LEU B 104 21.05 -4.51 -28.99
N THR B 105 19.86 -4.74 -28.46
CA THR B 105 19.13 -5.97 -28.78
C THR B 105 18.96 -6.19 -30.28
N ASP B 106 18.49 -5.18 -31.01
CA ASP B 106 18.31 -5.34 -32.45
C ASP B 106 19.61 -5.55 -33.21
N VAL B 107 20.67 -4.88 -32.75
CA VAL B 107 21.98 -5.04 -33.37
C VAL B 107 22.45 -6.48 -33.18
N VAL B 108 22.25 -6.98 -31.96
CA VAL B 108 22.66 -8.32 -31.61
C VAL B 108 22.01 -9.45 -32.40
N THR B 109 20.69 -9.40 -32.55
CA THR B 109 20.02 -10.46 -33.30
C THR B 109 20.22 -10.32 -34.81
N GLU B 110 20.34 -9.09 -35.29
CA GLU B 110 20.51 -8.87 -36.71
C GLU B 110 21.94 -8.99 -37.24
N THR B 111 22.93 -8.63 -36.43
CA THR B 111 24.31 -8.70 -36.90
C THR B 111 25.25 -9.55 -36.06
N CYS B 112 26.53 -9.54 -36.47
CA CYS B 112 27.58 -10.29 -35.82
C CYS B 112 28.64 -9.34 -35.30
N MET B 113 28.58 -9.04 -34.00
CA MET B 113 29.54 -8.15 -33.36
C MET B 113 30.87 -8.85 -33.07
N ASP B 114 31.98 -8.14 -33.27
CA ASP B 114 33.29 -8.72 -32.97
C ASP B 114 33.76 -8.23 -31.60
N GLU B 115 34.90 -8.73 -31.15
CA GLU B 115 35.42 -8.36 -29.84
C GLU B 115 35.70 -6.88 -29.64
N GLY B 116 36.28 -6.23 -30.66
CA GLY B 116 36.57 -4.81 -30.56
C GLY B 116 35.28 -4.04 -30.31
N GLN B 117 34.22 -4.44 -30.97
CA GLN B 117 32.92 -3.79 -30.82
C GLN B 117 32.31 -4.04 -29.47
N ILE B 118 32.37 -5.29 -29.02
CA ILE B 118 31.81 -5.64 -27.71
C ILE B 118 32.60 -4.89 -26.62
N ALA B 119 33.92 -4.87 -26.76
CA ALA B 119 34.77 -4.18 -25.77
C ALA B 119 34.36 -2.71 -25.64
N ALA B 120 34.07 -2.08 -26.77
CA ALA B 120 33.67 -0.67 -26.78
C ALA B 120 32.37 -0.47 -25.99
N VAL B 121 31.35 -1.28 -26.29
CA VAL B 121 30.09 -1.13 -25.57
C VAL B 121 30.27 -1.48 -24.10
N CYS B 122 31.15 -2.46 -23.80
CA CYS B 122 31.37 -2.81 -22.40
C CYS B 122 32.00 -1.66 -21.61
N ARG B 123 32.96 -0.95 -22.22
CA ARG B 123 33.60 0.19 -21.55
C ARG B 123 32.55 1.25 -21.18
N GLU B 124 31.73 1.64 -22.15
CA GLU B 124 30.68 2.63 -21.93
C GLU B 124 29.72 2.19 -20.82
N CYS B 125 29.25 0.94 -20.88
CA CYS B 125 28.35 0.42 -19.85
C CYS B 125 29.02 0.45 -18.47
N LEU B 126 30.30 0.10 -18.43
CA LEU B 126 31.04 0.11 -17.17
C LEU B 126 31.20 1.52 -16.60
N GLN B 127 31.28 2.51 -17.49
CA GLN B 127 31.40 3.90 -17.06
C GLN B 127 30.05 4.29 -16.45
N ALA B 128 28.97 3.89 -17.11
CA ALA B 128 27.63 4.17 -16.64
C ALA B 128 27.39 3.50 -15.28
N LEU B 129 27.92 2.29 -15.08
CA LEU B 129 27.73 1.58 -13.81
C LEU B 129 28.57 2.18 -12.68
N GLU B 130 29.78 2.61 -13.02
CA GLU B 130 30.66 3.20 -12.02
C GLU B 130 29.96 4.43 -11.44
N PHE B 131 29.33 5.20 -12.33
CA PHE B 131 28.59 6.39 -11.98
C PHE B 131 27.40 6.01 -11.10
N LEU B 132 26.50 5.19 -11.63
CA LEU B 132 25.33 4.76 -10.86
C LEU B 132 25.68 4.17 -9.49
N HIS B 133 26.76 3.41 -9.41
CA HIS B 133 27.15 2.78 -8.15
C HIS B 133 27.73 3.80 -7.18
N SER B 134 28.39 4.83 -7.71
CA SER B 134 28.96 5.85 -6.84
C SER B 134 27.82 6.64 -6.18
N ASN B 135 26.67 6.68 -6.83
CA ASN B 135 25.51 7.37 -6.27
C ASN B 135 24.58 6.38 -5.57
N GLN B 136 25.15 5.22 -5.22
CA GLN B 136 24.43 4.17 -4.51
C GLN B 136 23.23 3.51 -5.21
N VAL B 137 23.24 3.54 -6.54
CA VAL B 137 22.15 2.95 -7.32
C VAL B 137 22.52 1.61 -7.96
N ILE B 138 21.64 0.62 -7.79
CA ILE B 138 21.83 -0.70 -8.38
C ILE B 138 20.83 -0.78 -9.51
N HIS B 139 21.31 -1.04 -10.72
CA HIS B 139 20.43 -1.12 -11.86
C HIS B 139 19.48 -2.31 -11.82
N ARG B 140 20.04 -3.51 -11.68
CA ARG B 140 19.27 -4.76 -11.60
C ARG B 140 18.81 -5.33 -12.95
N ASP B 141 18.80 -4.51 -14.00
CA ASP B 141 18.37 -5.00 -15.30
C ASP B 141 19.30 -4.70 -16.47
N ILE B 142 20.58 -4.94 -16.26
CA ILE B 142 21.55 -4.72 -17.31
C ILE B 142 21.37 -5.82 -18.36
N LYS B 143 20.78 -5.45 -19.49
CA LYS B 143 20.55 -6.35 -20.62
C LYS B 143 20.45 -5.49 -21.88
N SER B 144 20.59 -6.13 -23.04
CA SER B 144 20.58 -5.44 -24.34
C SER B 144 19.39 -4.53 -24.63
N ASP B 145 18.23 -4.87 -24.08
CA ASP B 145 17.02 -4.08 -24.27
C ASP B 145 17.14 -2.71 -23.62
N ASN B 146 17.90 -2.65 -22.53
CA ASN B 146 18.05 -1.39 -21.82
C ASN B 146 19.28 -0.58 -22.18
N ILE B 147 19.97 -0.94 -23.22
CA ILE B 147 21.08 -0.11 -23.66
C ILE B 147 20.75 0.56 -25.00
N LEU B 148 20.53 1.86 -24.96
CA LEU B 148 20.14 2.62 -26.16
C LEU B 148 21.35 2.98 -26.99
N LEU B 149 21.24 2.78 -28.29
CA LEU B 149 22.32 3.07 -29.23
C LEU B 149 22.04 4.23 -30.18
N GLY B 150 22.90 5.24 -30.17
CA GLY B 150 22.72 6.36 -31.09
C GLY B 150 23.18 5.89 -32.47
N MET B 151 22.68 6.49 -33.54
CA MET B 151 23.07 6.10 -34.90
C MET B 151 24.58 6.33 -34.95
N ASP B 152 25.00 7.06 -33.93
CA ASP B 152 26.37 7.46 -33.67
C ASP B 152 27.24 6.33 -33.14
N GLY B 153 26.61 5.37 -32.48
CA GLY B 153 27.34 4.29 -31.86
C GLY B 153 27.44 4.67 -30.39
N SER B 154 26.99 5.88 -30.07
CA SER B 154 27.00 6.38 -28.69
C SER B 154 26.17 5.42 -27.83
N VAL B 155 26.50 5.35 -26.55
CA VAL B 155 25.82 4.42 -25.67
C VAL B 155 25.19 5.04 -24.42
N LYS B 156 23.92 4.75 -24.20
CA LYS B 156 23.21 5.23 -23.02
C LYS B 156 22.49 4.09 -22.30
N LEU B 157 22.61 4.07 -20.97
CA LEU B 157 21.96 3.06 -20.17
C LEU B 157 20.60 3.61 -19.73
N THR B 158 19.58 2.77 -19.81
CA THR B 158 18.24 3.18 -19.40
C THR B 158 17.60 2.17 -18.46
N ASP B 159 16.37 2.46 -18.05
CA ASP B 159 15.59 1.58 -17.17
C ASP B 159 16.15 1.30 -15.77
N PHE B 160 16.83 2.26 -15.16
CA PHE B 160 17.38 2.05 -13.82
C PHE B 160 16.48 2.69 -12.74
N GLY B 161 15.32 3.19 -13.16
CA GLY B 161 14.40 3.82 -12.24
C GLY B 161 13.09 4.13 -12.93
N PHE B 162 12.17 4.78 -12.20
CA PHE B 162 10.87 5.12 -12.77
C PHE B 162 11.02 6.19 -13.87
N CYS B 163 11.72 7.27 -13.56
CA CYS B 163 11.94 8.34 -14.52
C CYS B 163 13.03 7.98 -15.50
N ALA B 164 12.79 6.96 -16.32
CA ALA B 164 13.78 6.52 -17.30
C ALA B 164 13.38 5.21 -17.95
N GLN B 165 12.09 4.94 -18.02
CA GLN B 165 11.58 3.72 -18.63
C GLN B 165 11.69 3.84 -20.14
N ILE B 166 11.08 2.91 -20.86
CA ILE B 166 11.11 2.92 -22.31
C ILE B 166 10.58 4.23 -22.90
N THR B 167 11.48 5.18 -23.15
CA THR B 167 11.11 6.47 -23.72
C THR B 167 11.75 6.68 -25.09
N THR B 175 10.37 -10.94 -21.79
CA THR B 175 11.15 -10.24 -20.78
C THR B 175 10.67 -10.59 -19.38
N MET B 176 9.47 -10.13 -19.04
CA MET B 176 8.89 -10.40 -17.73
C MET B 176 8.09 -11.70 -17.84
N VAL B 177 8.53 -12.52 -18.79
CA VAL B 177 7.96 -13.79 -19.11
C VAL B 177 9.08 -14.53 -19.76
N GLY B 178 9.30 -15.75 -19.34
CA GLY B 178 10.42 -16.45 -19.89
C GLY B 178 11.44 -16.48 -18.78
N THR B 179 12.74 -16.44 -19.03
CA THR B 179 13.66 -16.41 -17.89
C THR B 179 14.52 -15.15 -17.82
N PRO B 180 14.76 -14.66 -16.59
CA PRO B 180 15.53 -13.45 -16.34
C PRO B 180 17.01 -13.84 -16.47
N TYR B 181 17.36 -14.33 -17.66
CA TYR B 181 18.71 -14.85 -17.97
C TYR B 181 19.92 -14.00 -17.59
N TRP B 182 19.71 -12.77 -17.16
CA TRP B 182 20.81 -11.84 -16.87
C TRP B 182 21.09 -11.74 -15.36
N MET B 183 20.16 -12.21 -14.55
CA MET B 183 20.31 -12.10 -13.10
C MET B 183 21.41 -12.99 -12.52
N ALA B 184 22.02 -12.50 -11.44
CA ALA B 184 23.11 -13.21 -10.77
C ALA B 184 22.65 -14.30 -9.80
N PRO B 185 23.52 -15.30 -9.56
CA PRO B 185 23.22 -16.41 -8.65
C PRO B 185 22.65 -15.93 -7.31
N GLU B 186 23.19 -14.86 -6.75
CA GLU B 186 22.67 -14.37 -5.46
C GLU B 186 21.29 -13.70 -5.55
N VAL B 187 20.93 -13.25 -6.75
CA VAL B 187 19.62 -12.64 -6.97
C VAL B 187 18.57 -13.73 -7.15
N VAL B 188 18.91 -14.70 -7.98
CA VAL B 188 18.04 -15.79 -8.32
C VAL B 188 17.82 -16.80 -7.17
N THR B 189 18.62 -16.70 -6.11
CA THR B 189 18.43 -17.58 -4.96
C THR B 189 17.98 -16.74 -3.77
N ARG B 190 17.52 -15.54 -4.08
CA ARG B 190 17.02 -14.58 -3.10
C ARG B 190 17.91 -14.30 -1.90
N LYS B 191 19.20 -14.16 -2.13
CA LYS B 191 20.12 -13.84 -1.05
C LYS B 191 20.26 -12.32 -1.05
N ALA B 192 20.94 -11.78 -0.05
CA ALA B 192 21.16 -10.33 -0.01
C ALA B 192 22.17 -10.05 -1.12
N TYR B 193 22.00 -8.94 -1.83
CA TYR B 193 22.92 -8.61 -2.92
C TYR B 193 23.29 -7.15 -2.97
N GLY B 194 24.25 -6.82 -3.84
CA GLY B 194 24.71 -5.45 -3.98
C GLY B 194 24.89 -5.02 -5.43
N PRO B 195 25.71 -3.98 -5.67
CA PRO B 195 25.96 -3.45 -7.01
C PRO B 195 26.64 -4.42 -7.98
N LYS B 196 27.35 -5.41 -7.47
CA LYS B 196 28.02 -6.35 -8.34
C LYS B 196 27.08 -7.24 -9.14
N VAL B 197 25.78 -7.19 -8.84
CA VAL B 197 24.87 -7.98 -9.65
C VAL B 197 24.85 -7.35 -11.05
N ASP B 198 25.14 -6.05 -11.15
CA ASP B 198 25.18 -5.38 -12.46
C ASP B 198 26.42 -5.83 -13.26
N ILE B 199 27.50 -6.15 -12.56
CA ILE B 199 28.72 -6.63 -13.20
C ILE B 199 28.44 -8.00 -13.81
N TRP B 200 27.69 -8.81 -13.07
CA TRP B 200 27.32 -10.12 -13.55
C TRP B 200 26.46 -9.95 -14.82
N SER B 201 25.39 -9.18 -14.72
CA SER B 201 24.53 -8.96 -15.89
C SER B 201 25.35 -8.46 -17.09
N LEU B 202 26.33 -7.60 -16.82
CA LEU B 202 27.19 -7.10 -17.91
C LEU B 202 27.91 -8.27 -18.60
N GLY B 203 28.44 -9.20 -17.80
CA GLY B 203 29.13 -10.36 -18.38
C GLY B 203 28.20 -11.18 -19.24
N ILE B 204 26.95 -11.31 -18.81
CA ILE B 204 25.96 -12.06 -19.57
C ILE B 204 25.63 -11.29 -20.88
N MET B 205 25.50 -9.97 -20.77
CA MET B 205 25.21 -9.20 -21.97
C MET B 205 26.32 -9.42 -23.01
N ALA B 206 27.57 -9.49 -22.51
CA ALA B 206 28.72 -9.71 -23.38
C ALA B 206 28.67 -11.06 -24.09
N ILE B 207 28.21 -12.09 -23.38
CA ILE B 207 28.09 -13.43 -23.95
C ILE B 207 26.97 -13.36 -25.00
N GLU B 208 25.88 -12.70 -24.64
CA GLU B 208 24.78 -12.53 -25.58
C GLU B 208 25.30 -11.88 -26.87
N MET B 209 26.07 -10.81 -26.72
CA MET B 209 26.61 -10.10 -27.89
C MET B 209 27.49 -10.96 -28.80
N ILE B 210 28.34 -11.81 -28.22
CA ILE B 210 29.22 -12.60 -29.07
C ILE B 210 28.52 -13.80 -29.69
N GLU B 211 27.43 -14.25 -29.07
CA GLU B 211 26.69 -15.41 -29.58
C GLU B 211 25.52 -15.03 -30.49
N GLY B 212 25.08 -13.78 -30.42
CA GLY B 212 23.98 -13.35 -31.25
C GLY B 212 22.60 -13.64 -30.69
N GLU B 213 22.53 -14.08 -29.45
CA GLU B 213 21.25 -14.40 -28.80
C GLU B 213 21.51 -14.56 -27.31
N PRO B 214 20.47 -14.34 -26.48
CA PRO B 214 20.64 -14.48 -25.04
C PRO B 214 20.75 -15.97 -24.68
N PRO B 215 21.35 -16.29 -23.53
CA PRO B 215 21.45 -17.71 -23.16
C PRO B 215 20.16 -18.23 -22.56
N TYR B 216 20.03 -19.56 -22.52
CA TYR B 216 18.87 -20.24 -21.94
C TYR B 216 17.60 -20.14 -22.81
N LEU B 217 17.77 -19.72 -24.06
CA LEU B 217 16.63 -19.55 -24.96
C LEU B 217 15.66 -20.74 -25.04
N ASN B 218 16.19 -21.96 -25.06
CA ASN B 218 15.30 -23.11 -25.14
C ASN B 218 15.13 -23.79 -23.79
N GLU B 219 15.58 -23.11 -22.75
CA GLU B 219 15.48 -23.67 -21.42
C GLU B 219 14.16 -23.31 -20.73
N ASN B 220 13.72 -24.20 -19.85
CA ASN B 220 12.52 -24.01 -19.05
C ASN B 220 12.92 -22.98 -17.98
N PRO B 221 12.11 -21.93 -17.77
CA PRO B 221 12.43 -20.92 -16.75
C PRO B 221 13.02 -21.45 -15.44
N LEU B 222 12.36 -22.44 -14.82
CA LEU B 222 12.89 -22.96 -13.57
C LEU B 222 14.22 -23.67 -13.67
N ARG B 223 14.42 -24.46 -14.74
CA ARG B 223 15.67 -25.16 -14.90
C ARG B 223 16.81 -24.15 -15.09
N ALA B 224 16.54 -23.10 -15.87
CA ALA B 224 17.53 -22.06 -16.13
C ALA B 224 17.94 -21.39 -14.83
N LEU B 225 16.97 -21.11 -13.97
CA LEU B 225 17.23 -20.48 -12.68
C LEU B 225 18.13 -21.38 -11.83
N TYR B 226 17.80 -22.67 -11.83
CA TYR B 226 18.54 -23.65 -11.07
C TYR B 226 19.98 -23.71 -11.60
N LEU B 227 20.11 -23.63 -12.93
CA LEU B 227 21.43 -23.66 -13.56
C LEU B 227 22.25 -22.43 -13.18
N ILE B 228 21.61 -21.28 -13.13
CA ILE B 228 22.34 -20.06 -12.77
C ILE B 228 22.82 -20.18 -11.33
N ALA B 229 21.99 -20.75 -10.48
CA ALA B 229 22.29 -20.91 -9.06
C ALA B 229 23.40 -21.91 -8.74
N THR B 230 23.60 -22.89 -9.60
CA THR B 230 24.59 -23.93 -9.38
C THR B 230 25.80 -23.89 -10.32
N ASN B 231 25.53 -23.84 -11.63
CA ASN B 231 26.57 -23.79 -12.65
C ASN B 231 27.12 -22.38 -12.78
N GLY B 232 26.29 -21.40 -12.48
CA GLY B 232 26.69 -20.02 -12.60
C GLY B 232 26.62 -19.57 -14.04
N THR B 233 27.71 -19.83 -14.76
CA THR B 233 27.80 -19.44 -16.14
C THR B 233 27.06 -20.35 -17.10
N PRO B 234 26.51 -19.78 -18.17
CA PRO B 234 25.77 -20.53 -19.17
C PRO B 234 26.76 -21.29 -20.06
N GLU B 235 26.28 -22.30 -20.78
CA GLU B 235 27.18 -23.05 -21.65
C GLU B 235 27.41 -22.30 -22.95
N LEU B 236 28.65 -21.82 -23.14
CA LEU B 236 29.03 -21.11 -24.36
C LEU B 236 29.05 -22.08 -25.54
N GLN B 237 28.62 -21.60 -26.70
CA GLN B 237 28.57 -22.43 -27.91
C GLN B 237 29.92 -22.70 -28.58
N ASN B 238 30.80 -21.69 -28.63
CA ASN B 238 32.11 -21.83 -29.25
C ASN B 238 33.20 -21.15 -28.43
N PRO B 239 33.52 -21.71 -27.25
CA PRO B 239 34.55 -21.15 -26.37
C PRO B 239 35.88 -20.95 -27.11
N GLU B 240 36.20 -21.91 -27.97
CA GLU B 240 37.44 -21.89 -28.74
C GLU B 240 37.75 -20.56 -29.40
N LYS B 241 36.72 -19.95 -29.99
CA LYS B 241 36.87 -18.68 -30.68
C LYS B 241 37.15 -17.45 -29.82
N LEU B 242 36.81 -17.49 -28.54
CA LEU B 242 37.05 -16.32 -27.69
C LEU B 242 38.51 -16.15 -27.30
N SER B 243 39.02 -14.94 -27.50
CA SER B 243 40.41 -14.63 -27.16
C SER B 243 40.64 -14.79 -25.67
N ALA B 244 41.89 -14.98 -25.28
CA ALA B 244 42.24 -15.17 -23.88
C ALA B 244 41.88 -13.94 -23.03
N ILE B 245 42.04 -12.74 -23.59
CA ILE B 245 41.71 -11.52 -22.86
C ILE B 245 40.19 -11.37 -22.64
N PHE B 246 39.41 -11.73 -23.63
CA PHE B 246 37.95 -11.65 -23.49
C PHE B 246 37.47 -12.70 -22.48
N ARG B 247 38.05 -13.88 -22.53
CA ARG B 247 37.65 -14.88 -21.55
C ARG B 247 38.03 -14.45 -20.16
N ASP B 248 39.19 -13.81 -19.99
CA ASP B 248 39.58 -13.37 -18.65
C ASP B 248 38.55 -12.37 -18.16
N PHE B 249 38.20 -11.41 -19.02
CA PHE B 249 37.20 -10.40 -18.72
C PHE B 249 35.88 -11.04 -18.28
N LEU B 250 35.38 -12.00 -19.06
CA LEU B 250 34.13 -12.67 -18.70
C LEU B 250 34.26 -13.36 -17.35
N ASN B 251 35.37 -14.05 -17.15
CA ASN B 251 35.58 -14.71 -15.85
C ASN B 251 35.57 -13.77 -14.64
N ARG B 252 36.01 -12.53 -14.82
CA ARG B 252 36.00 -11.56 -13.72
C ARG B 252 34.57 -11.06 -13.46
N CYS B 253 33.76 -11.07 -14.51
CA CYS B 253 32.37 -10.61 -14.40
C CYS B 253 31.47 -11.70 -13.85
N LEU B 254 31.77 -12.93 -14.22
CA LEU B 254 30.95 -14.06 -13.86
C LEU B 254 31.41 -14.97 -12.75
N ASP B 255 32.09 -14.42 -11.74
CA ASP B 255 32.57 -15.23 -10.62
C ASP B 255 31.39 -15.37 -9.65
N MET B 256 31.06 -16.60 -9.25
CA MET B 256 29.94 -16.80 -8.34
C MET B 256 30.18 -16.18 -6.96
N ASP B 257 31.44 -16.13 -6.55
CA ASP B 257 31.82 -15.55 -5.27
C ASP B 257 31.81 -14.03 -5.47
N VAL B 258 30.83 -13.38 -4.84
CA VAL B 258 30.66 -11.93 -4.94
C VAL B 258 31.93 -11.14 -4.61
N GLU B 259 32.65 -11.55 -3.57
CA GLU B 259 33.88 -10.86 -3.18
C GLU B 259 34.99 -10.97 -4.23
N LYS B 260 35.01 -12.06 -4.99
CA LYS B 260 36.03 -12.23 -6.01
C LYS B 260 35.61 -11.54 -7.30
N ARG B 261 34.32 -11.29 -7.45
CA ARG B 261 33.80 -10.65 -8.65
C ARG B 261 34.28 -9.20 -8.75
N GLY B 262 34.70 -8.81 -9.94
CA GLY B 262 35.16 -7.45 -10.12
C GLY B 262 34.06 -6.41 -9.96
N SER B 263 34.46 -5.21 -9.60
CA SER B 263 33.54 -4.09 -9.45
C SER B 263 33.70 -3.24 -10.71
N ALA B 264 32.81 -2.28 -10.92
CA ALA B 264 32.90 -1.44 -12.10
C ALA B 264 34.24 -0.73 -12.20
N LYS B 265 34.70 -0.16 -11.09
CA LYS B 265 35.96 0.57 -11.11
C LYS B 265 37.15 -0.30 -11.48
N GLU B 266 37.22 -1.52 -10.96
CA GLU B 266 38.31 -2.43 -11.26
C GLU B 266 38.32 -2.89 -12.72
N LEU B 267 37.14 -3.20 -13.25
CA LEU B 267 37.00 -3.67 -14.63
C LEU B 267 37.24 -2.62 -15.71
N LEU B 268 37.13 -1.35 -15.37
CA LEU B 268 37.39 -0.29 -16.36
C LEU B 268 38.86 -0.35 -16.79
N GLN B 269 39.70 -0.90 -15.91
CA GLN B 269 41.13 -1.04 -16.17
C GLN B 269 41.50 -2.37 -16.82
N HIS B 270 40.50 -3.20 -17.12
CA HIS B 270 40.81 -4.50 -17.69
C HIS B 270 41.34 -4.43 -19.12
N GLN B 271 42.32 -5.27 -19.41
CA GLN B 271 42.96 -5.30 -20.71
C GLN B 271 42.00 -5.47 -21.88
N PHE B 272 40.92 -6.23 -21.69
CA PHE B 272 39.94 -6.45 -22.74
C PHE B 272 39.43 -5.14 -23.31
N LEU B 273 39.18 -4.18 -22.46
CA LEU B 273 38.66 -2.90 -22.92
C LEU B 273 39.62 -2.12 -23.81
N LYS B 274 40.92 -2.44 -23.71
CA LYS B 274 41.97 -1.77 -24.48
C LYS B 274 42.00 -2.13 -25.96
N ILE B 275 41.40 -3.26 -26.35
CA ILE B 275 41.40 -3.64 -27.76
C ILE B 275 40.12 -3.21 -28.44
N ALA B 276 39.39 -2.31 -27.80
CA ALA B 276 38.12 -1.84 -28.32
C ALA B 276 38.26 -1.07 -29.64
N LYS B 277 37.20 -1.12 -30.43
CA LYS B 277 37.15 -0.40 -31.68
C LYS B 277 36.37 0.87 -31.38
N PRO B 278 36.49 1.88 -32.24
CA PRO B 278 35.73 3.10 -31.96
C PRO B 278 34.23 2.86 -32.07
N LEU B 279 33.45 3.52 -31.22
CA LEU B 279 32.00 3.36 -31.23
C LEU B 279 31.36 3.48 -32.61
N SER B 280 32.00 4.25 -33.48
CA SER B 280 31.52 4.49 -34.84
C SER B 280 31.57 3.22 -35.66
N SER B 281 32.25 2.21 -35.13
CA SER B 281 32.35 0.94 -35.84
C SER B 281 30.98 0.26 -35.79
N LEU B 282 30.13 0.73 -34.88
CA LEU B 282 28.79 0.16 -34.72
C LEU B 282 27.78 0.67 -35.73
N THR B 283 27.98 1.91 -36.20
CA THR B 283 27.06 2.53 -37.15
C THR B 283 26.49 1.66 -38.24
N PRO B 284 27.34 0.99 -39.05
CA PRO B 284 26.80 0.15 -40.10
C PRO B 284 26.00 -1.06 -39.56
N LEU B 285 26.25 -1.44 -38.31
CA LEU B 285 25.52 -2.56 -37.73
C LEU B 285 24.15 -2.04 -37.33
N ILE B 286 24.12 -0.88 -36.69
CA ILE B 286 22.89 -0.27 -36.25
C ILE B 286 21.95 0.00 -37.44
N ALA B 287 22.51 0.45 -38.56
CA ALA B 287 21.72 0.75 -39.75
C ALA B 287 21.11 -0.51 -40.36
N ALA B 288 21.94 -1.53 -40.55
CA ALA B 288 21.48 -2.80 -41.12
C ALA B 288 20.38 -3.40 -40.24
N ALA B 289 20.46 -3.14 -38.94
CA ALA B 289 19.48 -3.67 -38.00
C ALA B 289 18.15 -2.95 -38.13
N LYS B 290 18.19 -1.62 -38.10
CA LYS B 290 16.97 -0.82 -38.19
C LYS B 290 16.34 -0.83 -39.58
N GLU B 291 17.07 -1.35 -40.57
CA GLU B 291 16.53 -1.43 -41.92
C GLU B 291 15.86 -2.79 -42.04
N ALA B 292 16.33 -3.74 -41.22
CA ALA B 292 15.67 -5.01 -41.15
C ALA B 292 14.47 -4.74 -40.23
N THR B 293 14.19 -3.44 -40.13
CA THR B 293 13.09 -2.88 -39.35
C THR B 293 13.12 -3.20 -37.86
N LYS B 294 13.21 -2.14 -37.05
CA LYS B 294 13.24 -2.25 -35.59
C LYS B 294 13.47 -0.88 -34.95
N PRO C 9 8.69 -32.18 6.92
CA PRO C 9 8.28 -30.78 6.95
C PRO C 9 9.22 -29.94 7.77
N SER C 10 10.49 -30.33 7.75
CA SER C 10 11.36 -29.67 8.67
C SER C 10 12.41 -28.72 8.12
N ASP C 11 13.58 -29.26 7.75
CA ASP C 11 14.82 -28.58 7.32
C ASP C 11 14.87 -27.06 6.98
N PHE C 12 14.88 -26.70 5.69
CA PHE C 12 15.08 -25.35 5.16
C PHE C 12 13.95 -24.33 5.30
N GLU C 13 14.30 -23.18 5.88
CA GLU C 13 13.35 -22.08 6.10
C GLU C 13 13.18 -21.23 4.84
N HIS C 14 11.93 -20.93 4.51
CA HIS C 14 11.62 -20.13 3.32
C HIS C 14 10.36 -19.32 3.53
N THR C 15 10.17 -18.31 2.69
CA THR C 15 8.97 -17.50 2.75
C THR C 15 8.24 -17.71 1.44
N ILE C 16 6.92 -17.84 1.53
CA ILE C 16 6.09 -18.05 0.35
C ILE C 16 5.07 -16.91 0.36
N HIS C 17 4.85 -16.29 -0.81
CA HIS C 17 3.88 -15.21 -0.92
C HIS C 17 2.59 -15.74 -1.53
N VAL C 18 1.46 -15.31 -0.97
CA VAL C 18 0.15 -15.74 -1.44
C VAL C 18 -0.08 -15.37 -2.89
N GLY C 19 -0.73 -16.27 -3.61
CA GLY C 19 -1.03 -15.98 -5.00
C GLY C 19 -2.44 -16.46 -5.34
N PHE C 20 -2.96 -16.03 -6.48
CA PHE C 20 -4.28 -16.48 -6.89
C PHE C 20 -4.21 -16.88 -8.36
N ASP C 21 -4.55 -18.13 -8.64
CA ASP C 21 -4.53 -18.62 -10.01
C ASP C 21 -5.93 -18.41 -10.59
N ALA C 22 -6.09 -17.36 -11.38
CA ALA C 22 -7.37 -17.01 -12.00
C ALA C 22 -7.96 -18.12 -12.86
N VAL C 23 -7.12 -18.90 -13.51
CA VAL C 23 -7.63 -19.99 -14.34
C VAL C 23 -8.20 -21.13 -13.51
N THR C 24 -7.53 -21.51 -12.43
CA THR C 24 -8.04 -22.60 -11.60
C THR C 24 -8.97 -22.05 -10.50
N GLY C 25 -9.01 -20.74 -10.36
CA GLY C 25 -9.85 -20.13 -9.34
C GLY C 25 -9.44 -20.56 -7.93
N GLU C 26 -8.14 -20.56 -7.65
CA GLU C 26 -7.65 -20.94 -6.34
C GLU C 26 -6.44 -20.15 -5.86
N PHE C 27 -6.40 -19.86 -4.56
CA PHE C 27 -5.28 -19.16 -3.97
C PHE C 27 -4.16 -20.17 -3.82
N THR C 28 -2.93 -19.67 -3.88
CA THR C 28 -1.74 -20.50 -3.73
C THR C 28 -0.94 -19.92 -2.56
N GLY C 29 -0.16 -20.76 -1.91
CA GLY C 29 0.65 -20.31 -0.79
C GLY C 29 -0.16 -19.73 0.36
N MET C 30 -1.40 -20.17 0.48
CA MET C 30 -2.29 -19.69 1.53
C MET C 30 -1.94 -20.32 2.88
N PRO C 31 -1.70 -19.49 3.92
CA PRO C 31 -1.38 -20.07 5.23
C PRO C 31 -2.57 -20.90 5.73
N GLU C 32 -2.27 -21.97 6.47
CA GLU C 32 -3.28 -22.87 7.01
C GLU C 32 -4.55 -22.21 7.57
N GLN C 33 -4.38 -21.25 8.49
CA GLN C 33 -5.54 -20.59 9.08
C GLN C 33 -6.45 -20.03 8.01
N TRP C 34 -5.91 -19.13 7.18
CA TRP C 34 -6.64 -18.50 6.10
C TRP C 34 -7.39 -19.49 5.23
N ALA C 35 -6.74 -20.60 4.89
CA ALA C 35 -7.37 -21.62 4.06
C ALA C 35 -8.59 -22.19 4.79
N ARG C 36 -8.48 -22.31 6.10
CA ARG C 36 -9.56 -22.84 6.91
C ARG C 36 -10.74 -21.88 7.00
N LEU C 37 -10.46 -20.61 7.24
CA LEU C 37 -11.53 -19.62 7.35
C LEU C 37 -12.25 -19.44 6.02
N LEU C 38 -11.50 -19.53 4.95
CA LEU C 38 -12.07 -19.35 3.62
C LEU C 38 -13.14 -20.36 3.21
N GLN C 39 -12.83 -21.64 3.28
CA GLN C 39 -13.80 -22.65 2.87
C GLN C 39 -14.99 -22.78 3.83
N THR C 40 -14.78 -22.50 5.11
CA THR C 40 -15.88 -22.59 6.07
C THR C 40 -16.81 -21.38 5.96
N SER C 41 -16.25 -20.23 5.60
CA SER C 41 -17.06 -19.01 5.48
C SER C 41 -17.97 -19.02 4.27
N ASN C 42 -17.81 -20.03 3.42
CA ASN C 42 -18.63 -20.16 2.22
C ASN C 42 -18.40 -19.09 1.16
N ILE C 43 -17.22 -18.47 1.15
CA ILE C 43 -16.93 -17.52 0.11
C ILE C 43 -16.78 -18.37 -1.16
N THR C 44 -17.73 -18.30 -2.08
CA THR C 44 -17.66 -19.15 -3.27
C THR C 44 -16.46 -18.89 -4.17
N LYS C 45 -16.20 -19.88 -5.00
CA LYS C 45 -15.11 -19.85 -5.96
C LYS C 45 -15.31 -18.66 -6.92
N SER C 46 -16.54 -18.49 -7.37
CA SER C 46 -16.88 -17.40 -8.29
C SER C 46 -16.60 -16.04 -7.64
N GLU C 47 -17.03 -15.89 -6.39
CA GLU C 47 -16.79 -14.64 -5.66
C GLU C 47 -15.28 -14.41 -5.54
N GLN C 48 -14.54 -15.45 -5.21
CA GLN C 48 -13.09 -15.33 -5.12
C GLN C 48 -12.53 -14.86 -6.47
N LYS C 49 -12.93 -15.54 -7.54
CA LYS C 49 -12.45 -15.20 -8.88
C LYS C 49 -12.82 -13.76 -9.22
N LYS C 50 -13.97 -13.32 -8.73
CA LYS C 50 -14.45 -11.97 -8.98
C LYS C 50 -13.57 -10.86 -8.40
N ASN C 51 -13.09 -11.04 -7.17
CA ASN C 51 -12.23 -10.03 -6.57
C ASN C 51 -11.29 -10.66 -5.54
N PRO C 52 -10.31 -11.45 -6.00
CA PRO C 52 -9.37 -12.11 -5.09
C PRO C 52 -8.68 -11.18 -4.10
N GLN C 53 -8.32 -9.97 -4.53
CA GLN C 53 -7.65 -9.03 -3.65
C GLN C 53 -8.54 -8.71 -2.44
N ALA C 54 -9.81 -8.41 -2.71
CA ALA C 54 -10.77 -8.11 -1.67
C ALA C 54 -10.87 -9.26 -0.70
N VAL C 55 -10.86 -10.48 -1.21
CA VAL C 55 -10.95 -11.65 -0.34
C VAL C 55 -9.73 -11.75 0.55
N LEU C 56 -8.55 -11.46 0.01
CA LEU C 56 -7.32 -11.50 0.80
C LEU C 56 -7.31 -10.32 1.78
N ASP C 57 -7.78 -9.16 1.30
CA ASP C 57 -7.83 -7.97 2.15
C ASP C 57 -8.74 -8.21 3.35
N VAL C 58 -9.84 -8.91 3.12
CA VAL C 58 -10.80 -9.19 4.18
C VAL C 58 -10.28 -10.26 5.16
N LEU C 59 -9.47 -11.18 4.66
CA LEU C 59 -8.89 -12.22 5.52
C LEU C 59 -7.88 -11.55 6.45
N GLU C 60 -7.15 -10.60 5.90
CA GLU C 60 -6.15 -9.87 6.65
C GLU C 60 -6.86 -9.13 7.79
N PHE C 61 -7.78 -8.25 7.42
CA PHE C 61 -8.55 -7.46 8.36
C PHE C 61 -9.08 -8.33 9.50
N TYR C 62 -9.64 -9.47 9.14
CA TYR C 62 -10.22 -10.41 10.09
C TYR C 62 -9.23 -10.93 11.12
N ASN C 63 -8.14 -11.54 10.66
CA ASN C 63 -7.16 -12.09 11.59
C ASN C 63 -6.29 -11.04 12.28
N SER C 64 -6.54 -9.77 11.98
CA SER C 64 -5.79 -8.70 12.62
C SER C 64 -6.72 -8.23 13.74
N LYS C 65 -8.02 -8.42 13.53
CA LYS C 65 -9.05 -8.05 14.49
C LYS C 65 -9.08 -9.11 15.59
N LYS C 66 -7.89 -9.47 16.06
CA LYS C 66 -7.71 -10.44 17.13
C LYS C 66 -6.47 -9.99 17.90
N THR C 67 -5.74 -9.06 17.28
CA THR C 67 -4.52 -8.53 17.87
C THR C 67 -4.71 -7.17 18.54
N SER C 68 -5.08 -6.15 17.77
CA SER C 68 -5.29 -4.81 18.32
C SER C 68 -6.19 -4.91 19.55
N ASN C 69 -6.02 -3.98 20.49
CA ASN C 69 -6.81 -3.99 21.70
C ASN C 69 -7.88 -2.90 21.78
N SER C 70 -8.98 -3.24 22.44
CA SER C 70 -10.13 -2.37 22.62
C SER C 70 -9.86 -0.91 22.98
N GLN C 71 -8.79 -0.65 23.72
CA GLN C 71 -8.47 0.73 24.11
C GLN C 71 -8.46 1.65 22.90
N LYS C 72 -9.58 2.35 22.67
CA LYS C 72 -9.71 3.27 21.54
C LYS C 72 -9.34 4.70 21.95
N TYR C 73 -8.70 5.41 21.03
CA TYR C 73 -8.30 6.80 21.28
C TYR C 73 -8.75 7.63 20.09
N MET C 74 -8.67 8.95 20.20
CA MET C 74 -9.10 9.80 19.09
C MET C 74 -8.34 9.55 17.80
N SER C 75 -9.08 9.53 16.69
CA SER C 75 -8.48 9.33 15.37
C SER C 75 -8.66 10.64 14.61
N PHE C 76 -7.59 11.08 13.95
CA PHE C 76 -7.65 12.34 13.21
C PHE C 76 -7.44 12.16 11.72
N THR C 77 -7.78 13.20 10.95
CA THR C 77 -7.62 13.18 9.50
C THR C 77 -6.19 13.55 9.14
N ASP C 78 -5.90 13.59 7.85
CA ASP C 78 -4.56 13.94 7.36
C ASP C 78 -4.44 15.44 7.12
N SER D 1 9.75 11.79 29.04
CA SER D 1 9.21 13.05 29.53
C SER D 1 8.16 12.81 30.61
N ASP D 2 8.35 11.76 31.40
CA ASP D 2 7.42 11.40 32.47
C ASP D 2 7.29 12.53 33.49
N GLU D 3 8.15 13.53 33.38
CA GLU D 3 8.11 14.68 34.28
C GLU D 3 7.56 15.88 33.50
N GLU D 4 7.68 15.79 32.18
CA GLU D 4 7.20 16.84 31.28
C GLU D 4 5.70 16.69 31.06
N ILE D 5 5.22 15.44 31.08
CA ILE D 5 3.81 15.16 30.89
C ILE D 5 3.04 15.72 32.09
N LEU D 6 3.67 15.67 33.25
CA LEU D 6 3.08 16.16 34.47
C LEU D 6 3.08 17.68 34.49
N GLU D 7 3.85 18.27 33.58
CA GLU D 7 3.93 19.72 33.49
C GLU D 7 2.86 20.26 32.55
N LYS D 8 2.66 19.54 31.44
CA LYS D 8 1.67 19.93 30.45
C LYS D 8 0.26 19.92 31.04
N LEU D 9 -0.04 18.88 31.83
CA LEU D 9 -1.35 18.75 32.47
C LEU D 9 -1.69 19.98 33.30
N ARG D 10 -0.72 20.48 34.04
CA ARG D 10 -0.90 21.63 34.91
C ARG D 10 -1.37 22.88 34.15
N SER D 11 -1.01 22.98 32.88
CA SER D 11 -1.41 24.14 32.09
C SER D 11 -2.80 23.96 31.52
N ILE D 12 -3.38 22.78 31.71
CA ILE D 12 -4.70 22.48 31.20
C ILE D 12 -5.70 22.19 32.31
N VAL D 13 -5.30 21.37 33.26
CA VAL D 13 -6.16 21.03 34.39
C VAL D 13 -6.69 22.32 35.00
N SER D 14 -7.92 22.28 35.50
CA SER D 14 -8.51 23.47 36.11
C SER D 14 -8.35 23.45 37.63
N VAL D 15 -8.52 24.62 38.23
CA VAL D 15 -8.41 24.77 39.68
C VAL D 15 -9.65 24.26 40.39
N GLY D 16 -9.59 24.20 41.71
CA GLY D 16 -10.73 23.75 42.48
C GLY D 16 -10.65 22.33 42.99
N ASP D 17 -11.47 22.03 43.98
CA ASP D 17 -11.52 20.70 44.57
C ASP D 17 -12.77 20.01 44.04
N PRO D 18 -12.60 19.09 43.07
CA PRO D 18 -13.73 18.38 42.50
C PRO D 18 -14.58 17.68 43.56
N LYS D 19 -13.96 17.38 44.70
CA LYS D 19 -14.67 16.74 45.80
C LYS D 19 -15.62 17.75 46.46
N LYS D 20 -15.42 19.03 46.14
CA LYS D 20 -16.26 20.10 46.67
C LYS D 20 -17.23 20.55 45.60
N LYS D 21 -16.73 20.65 44.36
CA LYS D 21 -17.52 21.09 43.22
C LYS D 21 -18.58 20.11 42.74
N TYR D 22 -18.43 18.84 43.10
CA TYR D 22 -19.39 17.84 42.67
C TYR D 22 -19.91 17.04 43.85
N THR D 23 -21.17 16.63 43.76
CA THR D 23 -21.79 15.87 44.83
C THR D 23 -22.49 14.63 44.32
N ARG D 24 -22.99 13.83 45.26
CA ARG D 24 -23.73 12.61 44.95
C ARG D 24 -23.00 11.66 44.00
N PHE D 25 -21.74 11.40 44.30
CA PHE D 25 -20.93 10.49 43.49
C PHE D 25 -21.56 9.11 43.50
N GLU D 26 -21.39 8.39 42.39
CA GLU D 26 -21.95 7.05 42.28
C GLU D 26 -21.10 6.21 41.33
N LYS D 27 -20.42 5.21 41.87
CA LYS D 27 -19.56 4.33 41.10
C LYS D 27 -20.35 3.57 40.05
N ILE D 28 -20.03 3.81 38.78
CA ILE D 28 -20.72 3.15 37.67
C ILE D 28 -19.97 1.90 37.22
N GLY D 29 -18.66 2.03 37.05
CA GLY D 29 -17.83 0.91 36.64
C GLY D 29 -16.39 1.12 37.07
N GLN D 30 -15.53 0.16 36.76
CA GLN D 30 -14.11 0.26 37.11
C GLN D 30 -13.28 -0.63 36.19
N GLY D 31 -12.24 -0.06 35.59
CA GLY D 31 -11.39 -0.84 34.70
C GLY D 31 -10.03 -0.23 34.44
N ALA D 32 -9.36 -0.72 33.40
CA ALA D 32 -8.03 -0.25 33.03
C ALA D 32 -8.01 1.24 32.72
N SER D 33 -9.14 1.76 32.26
CA SER D 33 -9.22 3.18 31.94
C SER D 33 -9.39 4.02 33.20
N GLY D 34 -9.59 3.34 34.33
CA GLY D 34 -9.76 4.03 35.60
C GLY D 34 -11.10 3.73 36.26
N THR D 35 -11.44 4.50 37.27
CA THR D 35 -12.71 4.32 37.98
C THR D 35 -13.66 5.41 37.54
N VAL D 36 -14.90 5.04 37.21
CA VAL D 36 -15.88 6.03 36.77
C VAL D 36 -17.05 6.22 37.71
N TYR D 37 -17.43 7.47 37.92
CA TYR D 37 -18.55 7.83 38.79
C TYR D 37 -19.45 8.84 38.09
N THR D 38 -20.73 8.75 38.41
CA THR D 38 -21.65 9.76 37.90
C THR D 38 -21.82 10.73 39.05
N ALA D 39 -21.92 12.00 38.77
CA ALA D 39 -22.02 12.97 39.83
C ALA D 39 -22.76 14.21 39.37
N MET D 40 -22.90 15.17 40.26
CA MET D 40 -23.60 16.39 39.93
C MET D 40 -22.82 17.61 40.35
N ASP D 41 -22.79 18.60 39.47
CA ASP D 41 -22.11 19.85 39.72
C ASP D 41 -22.94 20.63 40.74
N VAL D 42 -22.38 20.84 41.93
CA VAL D 42 -23.10 21.54 42.99
C VAL D 42 -23.70 22.88 42.60
N ALA D 43 -22.91 23.71 41.90
CA ALA D 43 -23.38 25.03 41.51
C ALA D 43 -24.47 25.06 40.43
N THR D 44 -24.26 24.34 39.34
CA THR D 44 -25.20 24.34 38.22
C THR D 44 -26.24 23.22 38.14
N GLY D 45 -26.00 22.13 38.85
CA GLY D 45 -26.93 21.01 38.81
C GLY D 45 -26.62 20.05 37.65
N GLN D 46 -25.68 20.43 36.79
CA GLN D 46 -25.31 19.60 35.65
C GLN D 46 -24.85 18.21 36.05
N GLU D 47 -25.52 17.20 35.52
CA GLU D 47 -25.16 15.81 35.81
C GLU D 47 -23.91 15.45 35.01
N VAL D 48 -22.92 14.84 35.66
CA VAL D 48 -21.68 14.50 34.97
C VAL D 48 -21.12 13.10 35.21
N ALA D 49 -20.06 12.78 34.47
CA ALA D 49 -19.38 11.51 34.57
C ALA D 49 -17.90 11.81 34.85
N ILE D 50 -17.39 11.22 35.92
CA ILE D 50 -16.01 11.46 36.31
C ILE D 50 -15.13 10.20 36.24
N ARG D 51 -14.09 10.29 35.42
CA ARG D 51 -13.14 9.19 35.23
C ARG D 51 -11.89 9.45 36.07
N GLN D 52 -11.73 8.68 37.13
CA GLN D 52 -10.56 8.83 38.01
C GLN D 52 -9.46 7.90 37.53
N MET D 53 -8.41 8.49 36.94
CA MET D 53 -7.34 7.66 36.38
C MET D 53 -6.12 7.40 37.25
N ASN D 54 -5.73 6.14 37.23
CA ASN D 54 -4.58 5.60 37.95
C ASN D 54 -3.32 6.43 37.72
N LEU D 55 -3.33 7.20 36.63
CA LEU D 55 -2.18 8.03 36.33
C LEU D 55 -0.93 7.18 36.17
N GLN D 56 0.15 7.58 36.80
CA GLN D 56 1.42 6.89 36.68
C GLN D 56 1.30 5.45 36.15
N GLN D 57 0.40 4.62 36.69
CA GLN D 57 0.29 3.26 36.23
C GLN D 57 -0.74 3.08 35.12
N GLN D 58 -0.70 3.95 34.11
CA GLN D 58 -1.60 3.88 32.97
C GLN D 58 -0.88 4.30 31.70
N PRO D 59 -0.99 3.47 30.64
CA PRO D 59 -0.39 3.65 29.31
C PRO D 59 -0.41 5.08 28.74
N LYS D 60 0.11 5.21 27.53
CA LYS D 60 0.19 6.47 26.80
C LYS D 60 -0.74 7.53 27.38
N LYS D 61 -0.20 8.71 27.70
CA LYS D 61 -1.02 9.76 28.29
C LYS D 61 -1.09 11.11 27.58
N GLU D 62 -0.13 11.44 26.72
CA GLU D 62 -0.23 12.72 26.04
C GLU D 62 -1.10 12.65 24.79
N LEU D 63 -1.78 11.54 24.64
CA LEU D 63 -2.75 11.34 23.59
C LEU D 63 -4.09 11.74 24.23
N ILE D 64 -4.20 11.35 25.50
CA ILE D 64 -5.32 11.66 26.33
C ILE D 64 -5.29 13.17 26.51
N ILE D 65 -4.08 13.68 26.68
CA ILE D 65 -3.86 15.11 26.86
C ILE D 65 -4.23 15.82 25.56
N ASN D 66 -3.97 15.15 24.45
CA ASN D 66 -4.26 15.72 23.14
C ASN D 66 -5.76 15.89 22.95
N GLU D 67 -6.54 14.91 23.37
CA GLU D 67 -8.00 15.00 23.23
C GLU D 67 -8.48 16.20 24.05
N ILE D 68 -8.02 16.27 25.30
CA ILE D 68 -8.38 17.36 26.20
C ILE D 68 -8.13 18.68 25.51
N LEU D 69 -6.93 18.83 24.95
CA LEU D 69 -6.54 20.05 24.26
C LEU D 69 -7.47 20.36 23.10
N VAL D 70 -7.94 19.32 22.43
CA VAL D 70 -8.83 19.48 21.29
C VAL D 70 -10.27 19.77 21.70
N MET D 71 -10.83 18.90 22.53
CA MET D 71 -12.21 19.05 22.97
C MET D 71 -12.51 20.18 23.94
N ARG D 72 -11.52 20.62 24.71
CA ARG D 72 -11.78 21.70 25.67
C ARG D 72 -12.06 23.03 24.98
N GLU D 73 -11.59 23.16 23.74
CA GLU D 73 -11.77 24.39 22.98
C GLU D 73 -12.93 24.30 21.99
N ASN D 74 -13.61 23.15 21.99
CA ASN D 74 -14.74 22.94 21.09
C ASN D 74 -15.87 22.16 21.75
N LYS D 75 -17.08 22.68 21.63
CA LYS D 75 -18.24 22.03 22.21
C LYS D 75 -19.39 21.94 21.23
N ASN D 76 -20.23 20.93 21.44
CA ASN D 76 -21.39 20.72 20.60
C ASN D 76 -22.46 19.98 21.38
N PRO D 77 -23.71 20.43 21.25
CA PRO D 77 -24.83 19.80 21.96
C PRO D 77 -25.16 18.36 21.53
N ASN D 78 -24.56 17.92 20.43
CA ASN D 78 -24.82 16.57 19.95
C ASN D 78 -23.74 15.53 20.25
N ILE D 79 -22.75 15.92 21.04
CA ILE D 79 -21.68 15.01 21.45
C ILE D 79 -21.43 15.13 22.95
N VAL D 80 -21.03 14.03 23.57
CA VAL D 80 -20.71 14.03 24.99
C VAL D 80 -19.50 14.94 25.08
N ASN D 81 -19.67 16.09 25.70
CA ASN D 81 -18.58 17.07 25.82
C ASN D 81 -17.66 16.89 27.00
N TYR D 82 -16.50 17.52 26.89
CA TYR D 82 -15.50 17.51 27.97
C TYR D 82 -15.79 18.78 28.76
N LEU D 83 -15.93 18.64 30.07
CA LEU D 83 -16.22 19.80 30.92
C LEU D 83 -14.99 20.32 31.64
N ASP D 84 -14.40 19.49 32.49
CA ASP D 84 -13.21 19.88 33.25
C ASP D 84 -12.31 18.69 33.57
N SER D 85 -11.14 18.99 34.12
CA SER D 85 -10.17 17.98 34.51
C SER D 85 -9.45 18.47 35.75
N TYR D 86 -9.12 17.56 36.66
CA TYR D 86 -8.43 17.93 37.88
C TYR D 86 -7.29 16.98 38.26
N LEU D 87 -6.45 17.45 39.18
CA LEU D 87 -5.33 16.68 39.68
C LEU D 87 -5.51 16.48 41.17
N VAL D 88 -5.87 15.26 41.56
CA VAL D 88 -6.09 14.92 42.96
C VAL D 88 -5.06 13.89 43.41
N GLY D 89 -3.99 14.36 44.04
CA GLY D 89 -2.95 13.46 44.50
C GLY D 89 -2.21 12.81 43.35
N ASP D 90 -2.15 11.48 43.36
CA ASP D 90 -1.46 10.73 42.31
C ASP D 90 -2.43 10.34 41.19
N GLU D 91 -3.52 11.09 41.04
CA GLU D 91 -4.51 10.78 40.01
C GLU D 91 -4.89 11.93 39.07
N LEU D 92 -5.60 11.56 38.02
CA LEU D 92 -6.11 12.51 37.04
C LEU D 92 -7.61 12.31 36.95
N TRP D 93 -8.35 13.40 37.07
CA TRP D 93 -9.81 13.34 37.01
C TRP D 93 -10.31 14.03 35.77
N VAL D 94 -11.05 13.30 34.95
CA VAL D 94 -11.62 13.87 33.73
C VAL D 94 -13.12 13.88 33.91
N VAL D 95 -13.72 15.04 33.70
CA VAL D 95 -15.16 15.19 33.86
C VAL D 95 -15.85 15.38 32.51
N MET D 96 -16.81 14.51 32.24
CA MET D 96 -17.55 14.56 30.99
C MET D 96 -19.04 14.67 31.32
N GLU D 97 -19.83 15.10 30.34
CA GLU D 97 -21.26 15.20 30.52
C GLU D 97 -21.78 13.78 30.61
N TYR D 98 -22.90 13.62 31.30
CA TYR D 98 -23.53 12.32 31.45
C TYR D 98 -25.00 12.51 31.12
N LEU D 99 -25.46 11.81 30.10
CA LEU D 99 -26.84 11.90 29.69
C LEU D 99 -27.59 10.67 30.19
N ALA D 100 -28.65 10.91 30.96
CA ALA D 100 -29.45 9.81 31.49
C ALA D 100 -30.44 9.34 30.43
N GLY D 101 -30.89 8.10 30.54
CA GLY D 101 -31.84 7.58 29.57
C GLY D 101 -31.46 6.20 29.09
N GLY D 102 -31.34 6.03 27.77
CA GLY D 102 -30.99 4.74 27.23
C GLY D 102 -30.20 4.80 25.91
N SER D 103 -30.05 3.66 25.26
CA SER D 103 -29.31 3.63 23.99
C SER D 103 -30.25 3.42 22.82
N LEU D 104 -29.90 3.98 21.67
CA LEU D 104 -30.70 3.82 20.47
C LEU D 104 -30.84 2.33 20.17
N THR D 105 -29.85 1.56 20.62
CA THR D 105 -29.84 0.12 20.42
C THR D 105 -31.08 -0.49 21.05
N ASP D 106 -31.29 -0.23 22.32
CA ASP D 106 -32.46 -0.76 23.02
C ASP D 106 -33.76 -0.29 22.37
N VAL D 107 -33.76 0.94 21.86
CA VAL D 107 -34.95 1.48 21.19
C VAL D 107 -35.21 0.80 19.85
N VAL D 108 -34.15 0.34 19.20
CA VAL D 108 -34.28 -0.33 17.91
C VAL D 108 -34.85 -1.75 18.01
N THR D 109 -34.39 -2.51 19.00
CA THR D 109 -34.81 -3.89 19.16
C THR D 109 -36.18 -4.12 19.80
N GLU D 110 -36.54 -3.30 20.79
CA GLU D 110 -37.82 -3.47 21.48
C GLU D 110 -39.01 -2.74 20.86
N THR D 111 -38.76 -1.72 20.05
CA THR D 111 -39.87 -0.97 19.45
C THR D 111 -39.72 -0.83 17.94
N CYS D 112 -40.71 -0.20 17.31
CA CYS D 112 -40.70 0.00 15.86
C CYS D 112 -40.66 1.49 15.48
N MET D 113 -39.49 1.96 15.08
CA MET D 113 -39.32 3.36 14.70
C MET D 113 -39.89 3.64 13.30
N ASP D 114 -40.33 4.88 13.08
CA ASP D 114 -40.86 5.27 11.78
C ASP D 114 -39.88 6.20 11.09
N GLU D 115 -40.10 6.47 9.82
CA GLU D 115 -39.21 7.32 9.06
C GLU D 115 -39.08 8.73 9.65
N GLY D 116 -40.12 9.17 10.36
CA GLY D 116 -40.08 10.50 10.97
C GLY D 116 -39.06 10.51 12.11
N GLN D 117 -39.10 9.45 12.90
CA GLN D 117 -38.20 9.29 14.03
C GLN D 117 -36.77 9.06 13.55
N ILE D 118 -36.60 8.19 12.56
CA ILE D 118 -35.28 7.89 12.01
C ILE D 118 -34.67 9.17 11.46
N ALA D 119 -35.46 9.91 10.68
CA ALA D 119 -34.98 11.15 10.11
C ALA D 119 -34.54 12.16 11.17
N ALA D 120 -35.20 12.12 12.32
CA ALA D 120 -34.86 13.05 13.41
C ALA D 120 -33.49 12.75 13.98
N VAL D 121 -33.25 11.49 14.35
CA VAL D 121 -31.95 11.19 14.92
C VAL D 121 -30.80 11.27 13.90
N CYS D 122 -31.10 11.05 12.62
CA CYS D 122 -30.05 11.13 11.59
C CYS D 122 -29.55 12.56 11.48
N ARG D 123 -30.47 13.52 11.58
CA ARG D 123 -30.09 14.92 11.49
C ARG D 123 -29.19 15.29 12.67
N GLU D 124 -29.56 14.83 13.86
CA GLU D 124 -28.77 15.13 15.06
C GLU D 124 -27.39 14.49 14.93
N CYS D 125 -27.34 13.28 14.39
CA CYS D 125 -26.07 12.59 14.21
C CYS D 125 -25.25 13.30 13.13
N LEU D 126 -25.93 13.77 12.07
CA LEU D 126 -25.23 14.49 11.01
C LEU D 126 -24.61 15.77 11.55
N GLN D 127 -25.33 16.44 12.45
CA GLN D 127 -24.83 17.68 13.06
C GLN D 127 -23.56 17.38 13.86
N ALA D 128 -23.59 16.29 14.63
CA ALA D 128 -22.45 15.88 15.43
C ALA D 128 -21.25 15.55 14.54
N LEU D 129 -21.51 14.80 13.46
CA LEU D 129 -20.45 14.42 12.54
C LEU D 129 -19.85 15.63 11.83
N GLU D 130 -20.72 16.51 11.34
CA GLU D 130 -20.27 17.72 10.65
C GLU D 130 -19.36 18.51 11.60
N PHE D 131 -19.70 18.50 12.88
CA PHE D 131 -18.92 19.20 13.89
C PHE D 131 -17.59 18.48 14.16
N LEU D 132 -17.66 17.18 14.41
CA LEU D 132 -16.46 16.39 14.69
C LEU D 132 -15.48 16.40 13.53
N HIS D 133 -15.99 16.36 12.30
CA HIS D 133 -15.15 16.36 11.11
C HIS D 133 -14.42 17.68 10.93
N SER D 134 -15.14 18.79 11.10
CA SER D 134 -14.52 20.11 10.95
C SER D 134 -13.40 20.26 11.96
N ASN D 135 -13.33 19.32 12.90
CA ASN D 135 -12.30 19.31 13.93
C ASN D 135 -11.26 18.23 13.65
N GLN D 136 -11.26 17.73 12.41
CA GLN D 136 -10.32 16.69 12.00
C GLN D 136 -10.47 15.42 12.81
N VAL D 137 -11.70 15.10 13.17
CA VAL D 137 -11.96 13.89 13.94
C VAL D 137 -12.81 12.89 13.17
N ILE D 138 -12.36 11.64 13.18
CA ILE D 138 -13.06 10.55 12.52
C ILE D 138 -13.57 9.67 13.65
N HIS D 139 -14.89 9.50 13.74
CA HIS D 139 -15.46 8.68 14.80
C HIS D 139 -15.08 7.21 14.65
N ARG D 140 -15.34 6.67 13.46
CA ARG D 140 -15.03 5.27 13.13
C ARG D 140 -15.97 4.23 13.73
N ASP D 141 -16.79 4.62 14.69
CA ASP D 141 -17.72 3.68 15.31
C ASP D 141 -19.16 4.16 15.44
N ILE D 142 -19.67 4.76 14.37
CA ILE D 142 -21.05 5.23 14.37
C ILE D 142 -21.96 4.01 14.32
N LYS D 143 -22.67 3.76 15.41
CA LYS D 143 -23.60 2.64 15.51
C LYS D 143 -24.56 2.90 16.68
N SER D 144 -25.68 2.17 16.69
CA SER D 144 -26.71 2.32 17.71
C SER D 144 -26.28 2.23 19.18
N ASP D 145 -25.11 1.64 19.43
CA ASP D 145 -24.62 1.51 20.80
C ASP D 145 -23.94 2.80 21.24
N ASN D 146 -23.48 3.59 20.27
CA ASN D 146 -22.78 4.83 20.59
C ASN D 146 -23.54 6.14 20.51
N ILE D 147 -24.84 6.07 20.33
CA ILE D 147 -25.62 7.30 20.37
C ILE D 147 -26.56 7.29 21.58
N LEU D 148 -26.36 8.23 22.47
CA LEU D 148 -27.16 8.29 23.70
C LEU D 148 -28.47 9.03 23.49
N LEU D 149 -29.52 8.51 24.11
CA LEU D 149 -30.84 9.14 24.02
C LEU D 149 -31.35 9.57 25.39
N GLY D 150 -31.57 10.87 25.56
CA GLY D 150 -32.11 11.35 26.82
C GLY D 150 -33.59 11.01 26.81
N MET D 151 -34.21 10.95 27.99
CA MET D 151 -35.64 10.65 28.06
C MET D 151 -36.32 11.75 27.29
N ASP D 152 -35.52 12.77 27.02
CA ASP D 152 -35.87 13.97 26.29
C ASP D 152 -35.98 13.67 24.79
N GLY D 153 -35.31 12.61 24.36
CA GLY D 153 -35.29 12.28 22.96
C GLY D 153 -34.08 12.98 22.37
N SER D 154 -33.45 13.81 23.20
CA SER D 154 -32.24 14.52 22.78
C SER D 154 -31.22 13.47 22.38
N VAL D 155 -30.29 13.85 21.50
CA VAL D 155 -29.31 12.89 20.99
C VAL D 155 -27.85 13.30 21.16
N LYS D 156 -27.05 12.38 21.70
CA LYS D 156 -25.62 12.64 21.86
C LYS D 156 -24.76 11.48 21.37
N LEU D 157 -23.70 11.83 20.65
CA LEU D 157 -22.77 10.85 20.11
C LEU D 157 -21.60 10.65 21.06
N THR D 158 -21.31 9.40 21.40
CA THR D 158 -20.21 9.11 22.30
C THR D 158 -19.24 8.10 21.71
N ASP D 159 -18.27 7.71 22.54
CA ASP D 159 -17.25 6.73 22.19
C ASP D 159 -16.41 7.08 20.96
N PHE D 160 -16.12 8.36 20.77
CA PHE D 160 -15.32 8.79 19.64
C PHE D 160 -13.88 9.07 20.06
N GLY D 161 -13.55 8.68 21.29
CA GLY D 161 -12.21 8.90 21.80
C GLY D 161 -12.03 8.18 23.13
N PHE D 162 -10.93 8.48 23.83
CA PHE D 162 -10.67 7.85 25.11
C PHE D 162 -11.52 8.47 26.22
N CYS D 163 -11.54 9.79 26.26
CA CYS D 163 -12.31 10.51 27.28
C CYS D 163 -13.81 10.23 27.23
N ALA D 164 -14.34 10.09 26.01
CA ALA D 164 -15.76 9.84 25.83
C ALA D 164 -16.15 8.40 25.53
N GLN D 165 -15.52 7.44 26.23
CA GLN D 165 -15.85 6.03 26.01
C GLN D 165 -17.12 5.65 26.77
N ILE D 166 -17.85 4.67 26.24
CA ILE D 166 -19.08 4.21 26.88
C ILE D 166 -18.85 3.93 28.36
N THR D 167 -19.34 4.85 29.18
CA THR D 167 -19.21 4.79 30.64
C THR D 167 -19.30 3.38 31.25
N PRO D 168 -20.29 2.58 30.83
CA PRO D 168 -20.41 1.22 31.39
C PRO D 168 -19.35 0.29 30.80
N GLY D 178 -19.15 -10.30 17.70
CA GLY D 178 -19.90 -9.88 16.54
C GLY D 178 -18.98 -9.42 15.42
N THR D 179 -19.62 -8.95 14.36
CA THR D 179 -18.99 -8.48 13.13
C THR D 179 -19.08 -6.95 12.90
N PRO D 180 -18.08 -6.36 12.19
CA PRO D 180 -18.06 -4.89 11.86
C PRO D 180 -19.23 -4.35 11.07
N TYR D 181 -20.39 -4.92 11.20
CA TYR D 181 -21.45 -4.52 10.31
C TYR D 181 -21.51 -3.03 9.91
N TRP D 182 -20.99 -2.14 10.73
CA TRP D 182 -21.09 -0.69 10.40
C TRP D 182 -19.94 -0.14 9.57
N MET D 183 -18.84 -0.88 9.51
CA MET D 183 -17.68 -0.41 8.78
C MET D 183 -17.85 -0.31 7.28
N ALA D 184 -17.22 0.71 6.70
CA ALA D 184 -17.26 0.96 5.26
C ALA D 184 -16.36 -0.03 4.50
N PRO D 185 -16.60 -0.20 3.19
CA PRO D 185 -15.82 -1.11 2.35
C PRO D 185 -14.32 -0.82 2.42
N GLU D 186 -13.98 0.46 2.28
CA GLU D 186 -12.57 0.85 2.33
C GLU D 186 -11.90 0.58 3.67
N VAL D 187 -12.70 0.36 4.71
CA VAL D 187 -12.15 0.07 6.03
C VAL D 187 -11.87 -1.41 6.15
N VAL D 188 -12.86 -2.23 5.79
CA VAL D 188 -12.77 -3.68 5.85
C VAL D 188 -11.75 -4.25 4.86
N THR D 189 -11.33 -3.45 3.88
CA THR D 189 -10.33 -3.88 2.92
C THR D 189 -8.97 -3.23 3.16
N ARG D 190 -8.81 -2.62 4.33
CA ARG D 190 -7.57 -1.97 4.73
C ARG D 190 -7.06 -0.86 3.81
N LYS D 191 -7.97 -0.06 3.26
CA LYS D 191 -7.56 1.03 2.39
C LYS D 191 -7.45 2.30 3.21
N ALA D 192 -6.92 3.36 2.58
CA ALA D 192 -6.80 4.63 3.27
C ALA D 192 -8.21 5.21 3.25
N TYR D 193 -8.67 5.70 4.40
CA TYR D 193 -10.02 6.25 4.47
C TYR D 193 -10.08 7.62 5.12
N GLY D 194 -11.25 8.24 5.02
CA GLY D 194 -11.44 9.56 5.60
C GLY D 194 -12.74 9.68 6.37
N PRO D 195 -13.19 10.91 6.64
CA PRO D 195 -14.42 11.22 7.38
C PRO D 195 -15.64 10.47 6.88
N LYS D 196 -15.77 10.38 5.56
CA LYS D 196 -16.92 9.71 4.95
C LYS D 196 -17.21 8.28 5.41
N VAL D 197 -16.30 7.67 6.15
CA VAL D 197 -16.59 6.32 6.64
C VAL D 197 -17.69 6.44 7.69
N ASP D 198 -17.87 7.64 8.24
CA ASP D 198 -18.91 7.87 9.25
C ASP D 198 -20.27 8.02 8.56
N ILE D 199 -20.24 8.50 7.33
CA ILE D 199 -21.47 8.67 6.56
C ILE D 199 -21.99 7.26 6.24
N TRP D 200 -21.05 6.38 5.92
CA TRP D 200 -21.39 5.00 5.61
C TRP D 200 -22.01 4.35 6.84
N SER D 201 -21.34 4.51 7.98
CA SER D 201 -21.84 3.94 9.22
C SER D 201 -23.24 4.48 9.54
N LEU D 202 -23.45 5.77 9.27
CA LEU D 202 -24.75 6.38 9.51
C LEU D 202 -25.83 5.69 8.67
N GLY D 203 -25.48 5.36 7.42
CA GLY D 203 -26.43 4.69 6.54
C GLY D 203 -26.80 3.36 7.12
N ILE D 204 -25.78 2.63 7.57
CA ILE D 204 -26.01 1.33 8.17
C ILE D 204 -26.93 1.49 9.37
N MET D 205 -26.66 2.51 10.19
CA MET D 205 -27.48 2.74 11.38
C MET D 205 -28.92 3.00 10.97
N ALA D 206 -29.11 3.89 10.01
CA ALA D 206 -30.45 4.18 9.51
C ALA D 206 -31.14 2.88 9.09
N ILE D 207 -30.40 2.00 8.42
CA ILE D 207 -30.96 0.72 7.99
C ILE D 207 -31.36 -0.12 9.19
N GLU D 208 -30.49 -0.16 10.18
CA GLU D 208 -30.77 -0.93 11.39
C GLU D 208 -32.05 -0.45 12.08
N MET D 209 -32.23 0.87 12.09
CA MET D 209 -33.42 1.42 12.73
C MET D 209 -34.71 0.97 12.08
N ILE D 210 -34.77 1.07 10.75
CA ILE D 210 -35.95 0.69 10.01
C ILE D 210 -36.22 -0.81 10.10
N GLU D 211 -35.15 -1.59 10.23
CA GLU D 211 -35.28 -3.05 10.31
C GLU D 211 -35.40 -3.51 11.76
N GLY D 212 -35.11 -2.61 12.69
CA GLY D 212 -35.18 -2.96 14.10
C GLY D 212 -34.23 -4.11 14.36
N GLU D 213 -33.10 -4.06 13.64
CA GLU D 213 -32.13 -5.12 13.79
C GLU D 213 -30.83 -4.93 12.96
N PRO D 214 -29.66 -5.30 13.58
CA PRO D 214 -28.38 -5.31 12.81
C PRO D 214 -28.41 -6.04 11.44
N PRO D 215 -27.49 -5.54 10.59
CA PRO D 215 -27.28 -5.98 9.18
C PRO D 215 -27.09 -7.44 8.89
N TYR D 216 -25.99 -7.94 9.46
CA TYR D 216 -25.52 -9.31 9.22
C TYR D 216 -25.62 -10.29 10.39
N LEU D 217 -26.79 -10.36 11.03
CA LEU D 217 -27.00 -11.25 12.16
C LEU D 217 -26.87 -12.73 11.84
N ASN D 218 -27.48 -13.17 10.75
CA ASN D 218 -27.44 -14.59 10.35
C ASN D 218 -26.31 -14.89 9.38
N GLU D 219 -25.18 -14.21 9.53
CA GLU D 219 -24.08 -14.45 8.62
C GLU D 219 -22.73 -14.62 9.30
N ASN D 220 -21.91 -15.49 8.74
CA ASN D 220 -20.57 -15.75 9.25
C ASN D 220 -19.79 -14.43 9.14
N PRO D 221 -18.90 -14.17 10.10
CA PRO D 221 -18.10 -12.94 10.12
C PRO D 221 -17.35 -12.63 8.82
N LEU D 222 -16.50 -13.55 8.40
CA LEU D 222 -15.70 -13.38 7.19
C LEU D 222 -16.60 -13.09 5.99
N ARG D 223 -17.68 -13.85 5.84
CA ARG D 223 -18.58 -13.63 4.71
C ARG D 223 -19.20 -12.24 4.74
N ALA D 224 -19.56 -11.79 5.94
CA ALA D 224 -20.16 -10.47 6.11
C ALA D 224 -19.15 -9.41 5.66
N LEU D 225 -17.91 -9.57 6.07
CA LEU D 225 -16.85 -8.63 5.69
C LEU D 225 -16.74 -8.65 4.16
N TYR D 226 -16.80 -9.84 3.60
CA TYR D 226 -16.71 -10.02 2.15
C TYR D 226 -17.86 -9.26 1.46
N LEU D 227 -19.08 -9.47 1.96
CA LEU D 227 -20.25 -8.80 1.40
C LEU D 227 -20.14 -7.29 1.46
N ILE D 228 -19.62 -6.77 2.57
CA ILE D 228 -19.45 -5.33 2.73
C ILE D 228 -18.47 -4.82 1.69
N ALA D 229 -17.37 -5.55 1.53
CA ALA D 229 -16.32 -5.20 0.57
C ALA D 229 -16.79 -5.21 -0.89
N THR D 230 -17.70 -6.11 -1.23
CA THR D 230 -18.18 -6.20 -2.62
C THR D 230 -19.62 -5.73 -2.91
N ASN D 231 -20.60 -6.19 -2.13
CA ASN D 231 -21.97 -5.74 -2.37
C ASN D 231 -22.25 -4.35 -1.81
N GLY D 232 -21.56 -4.02 -0.72
CA GLY D 232 -21.74 -2.72 -0.11
C GLY D 232 -22.93 -2.71 0.83
N THR D 233 -24.02 -2.08 0.41
CA THR D 233 -25.21 -2.02 1.25
C THR D 233 -25.81 -3.39 1.48
N PRO D 234 -26.39 -3.61 2.67
CA PRO D 234 -27.01 -4.90 3.02
C PRO D 234 -28.35 -5.02 2.30
N GLU D 235 -29.05 -6.13 2.54
CA GLU D 235 -30.35 -6.34 1.91
C GLU D 235 -31.49 -6.07 2.89
N LEU D 236 -32.45 -5.24 2.48
CA LEU D 236 -33.61 -4.91 3.29
C LEU D 236 -34.69 -5.94 3.04
N GLN D 237 -35.40 -6.35 4.10
CA GLN D 237 -36.45 -7.35 3.96
C GLN D 237 -37.61 -6.90 3.06
N ASN D 238 -37.88 -5.59 3.04
CA ASN D 238 -38.94 -5.05 2.20
C ASN D 238 -38.63 -3.62 1.76
N PRO D 239 -37.66 -3.46 0.86
CA PRO D 239 -37.25 -2.15 0.35
C PRO D 239 -38.40 -1.29 -0.16
N GLU D 240 -39.48 -1.92 -0.62
CA GLU D 240 -40.62 -1.19 -1.16
C GLU D 240 -41.30 -0.30 -0.12
N LYS D 241 -41.50 -0.85 1.07
CA LYS D 241 -42.16 -0.10 2.15
C LYS D 241 -41.54 1.28 2.37
N LEU D 242 -40.21 1.36 2.34
CA LEU D 242 -39.55 2.64 2.55
C LEU D 242 -39.96 3.61 1.46
N SER D 243 -39.83 4.91 1.74
CA SER D 243 -40.19 5.94 0.79
C SER D 243 -39.05 6.25 -0.16
N ALA D 244 -39.32 7.12 -1.13
CA ALA D 244 -38.33 7.49 -2.13
C ALA D 244 -37.24 8.40 -1.59
N ILE D 245 -37.62 9.36 -0.76
CA ILE D 245 -36.66 10.30 -0.19
C ILE D 245 -35.73 9.62 0.80
N PHE D 246 -36.23 8.61 1.49
CA PHE D 246 -35.43 7.87 2.46
C PHE D 246 -34.42 6.98 1.70
N ARG D 247 -34.92 6.18 0.77
CA ARG D 247 -34.04 5.33 -0.02
C ARG D 247 -32.98 6.18 -0.70
N ASP D 248 -33.40 7.35 -1.18
CA ASP D 248 -32.45 8.24 -1.83
C ASP D 248 -31.41 8.61 -0.80
N PHE D 249 -31.87 8.88 0.42
CA PHE D 249 -30.99 9.23 1.54
C PHE D 249 -30.00 8.10 1.78
N LEU D 250 -30.53 6.90 1.96
CA LEU D 250 -29.70 5.72 2.19
C LEU D 250 -28.68 5.51 1.06
N ASN D 251 -29.06 5.86 -0.18
CA ASN D 251 -28.16 5.71 -1.33
C ASN D 251 -27.02 6.73 -1.33
N ARG D 252 -27.30 7.96 -0.89
CA ARG D 252 -26.25 8.98 -0.84
C ARG D 252 -25.23 8.56 0.22
N CYS D 253 -25.74 7.92 1.27
CA CYS D 253 -24.91 7.46 2.37
C CYS D 253 -24.10 6.20 2.05
N LEU D 254 -24.73 5.24 1.39
CA LEU D 254 -24.09 3.97 1.10
C LEU D 254 -23.50 3.79 -0.31
N ASP D 255 -22.84 4.81 -0.83
CA ASP D 255 -22.22 4.71 -2.14
C ASP D 255 -20.78 4.24 -1.93
N MET D 256 -20.39 3.15 -2.58
CA MET D 256 -19.04 2.62 -2.44
C MET D 256 -17.94 3.56 -2.91
N ASP D 257 -18.22 4.31 -3.96
CA ASP D 257 -17.24 5.26 -4.46
C ASP D 257 -17.16 6.41 -3.44
N VAL D 258 -16.16 6.34 -2.58
CA VAL D 258 -15.97 7.34 -1.53
C VAL D 258 -16.25 8.78 -1.91
N GLU D 259 -15.78 9.23 -3.07
CA GLU D 259 -16.01 10.62 -3.42
C GLU D 259 -17.39 10.94 -4.02
N LYS D 260 -18.16 9.92 -4.37
CA LYS D 260 -19.51 10.15 -4.88
C LYS D 260 -20.43 10.05 -3.68
N ARG D 261 -19.87 9.59 -2.57
CA ARG D 261 -20.61 9.41 -1.32
C ARG D 261 -20.85 10.77 -0.67
N GLY D 262 -22.08 11.00 -0.24
CA GLY D 262 -22.41 12.26 0.40
C GLY D 262 -21.60 12.55 1.65
N SER D 263 -21.38 13.83 1.92
CA SER D 263 -20.64 14.25 3.10
C SER D 263 -21.68 14.68 4.13
N ALA D 264 -21.24 14.92 5.36
CA ALA D 264 -22.16 15.34 6.42
C ALA D 264 -22.86 16.64 6.08
N LYS D 265 -22.08 17.68 5.83
CA LYS D 265 -22.62 18.99 5.49
C LYS D 265 -23.68 18.88 4.39
N GLU D 266 -23.27 18.34 3.25
CA GLU D 266 -24.15 18.17 2.10
C GLU D 266 -25.44 17.43 2.45
N LEU D 267 -25.30 16.38 3.26
CA LEU D 267 -26.45 15.57 3.67
C LEU D 267 -27.44 16.27 4.62
N LEU D 268 -27.02 17.39 5.21
CA LEU D 268 -27.92 18.13 6.10
C LEU D 268 -29.07 18.66 5.25
N GLN D 269 -28.71 19.11 4.05
CA GLN D 269 -29.66 19.67 3.10
C GLN D 269 -30.56 18.63 2.45
N HIS D 270 -30.39 17.37 2.80
CA HIS D 270 -31.20 16.33 2.19
C HIS D 270 -32.67 16.35 2.61
N GLN D 271 -33.53 16.26 1.61
CA GLN D 271 -34.98 16.27 1.76
C GLN D 271 -35.53 15.32 2.83
N PHE D 272 -34.85 14.19 3.05
CA PHE D 272 -35.32 13.23 4.04
C PHE D 272 -35.47 13.80 5.45
N LEU D 273 -34.52 14.63 5.87
CA LEU D 273 -34.57 15.23 7.19
C LEU D 273 -35.80 16.11 7.39
N LYS D 274 -36.18 16.84 6.34
CA LYS D 274 -37.33 17.73 6.39
C LYS D 274 -38.60 17.02 6.86
N ILE D 275 -38.62 15.71 6.74
CA ILE D 275 -39.76 14.89 7.15
C ILE D 275 -39.64 14.47 8.61
N ALA D 276 -38.62 14.96 9.28
CA ALA D 276 -38.36 14.63 10.68
C ALA D 276 -39.48 15.00 11.67
N LYS D 277 -39.71 14.13 12.63
CA LYS D 277 -40.69 14.35 13.67
C LYS D 277 -39.94 15.01 14.84
N PRO D 278 -40.67 15.39 15.91
CA PRO D 278 -40.00 16.02 17.05
C PRO D 278 -39.28 14.95 17.84
N LEU D 279 -38.11 15.28 18.39
CA LEU D 279 -37.36 14.32 19.19
C LEU D 279 -38.21 13.81 20.34
N SER D 280 -39.12 14.65 20.82
CA SER D 280 -40.01 14.27 21.92
C SER D 280 -40.83 13.05 21.53
N SER D 281 -40.94 12.82 20.22
CA SER D 281 -41.69 11.68 19.72
C SER D 281 -41.06 10.34 20.10
N LEU D 282 -39.84 10.38 20.62
CA LEU D 282 -39.11 9.18 21.00
C LEU D 282 -39.33 8.76 22.44
N THR D 283 -39.77 9.70 23.29
CA THR D 283 -39.98 9.44 24.71
C THR D 283 -40.67 8.13 25.03
N PRO D 284 -41.88 7.88 24.47
CA PRO D 284 -42.53 6.61 24.79
C PRO D 284 -41.74 5.38 24.31
N LEU D 285 -40.99 5.53 23.22
CA LEU D 285 -40.19 4.40 22.71
C LEU D 285 -39.03 4.16 23.67
N ILE D 286 -38.36 5.24 24.07
CA ILE D 286 -37.24 5.11 25.01
C ILE D 286 -37.77 4.49 26.29
N ALA D 287 -38.84 5.08 26.82
CA ALA D 287 -39.46 4.60 28.05
C ALA D 287 -39.79 3.11 27.96
N ALA D 288 -40.50 2.73 26.89
CA ALA D 288 -40.88 1.35 26.68
C ALA D 288 -39.66 0.44 26.57
N ALA D 289 -38.60 0.94 25.95
CA ALA D 289 -37.38 0.17 25.78
C ALA D 289 -36.68 -0.07 27.11
N LYS D 290 -36.67 0.94 27.98
CA LYS D 290 -36.00 0.81 29.26
C LYS D 290 -36.66 -0.19 30.20
N GLU D 291 -37.93 -0.50 29.94
CA GLU D 291 -38.66 -1.44 30.77
C GLU D 291 -38.10 -2.86 30.66
N ALA D 292 -38.00 -3.35 29.43
CA ALA D 292 -37.48 -4.69 29.18
C ALA D 292 -36.06 -4.92 29.67
N THR D 293 -35.09 -4.67 28.79
CA THR D 293 -33.68 -4.86 29.08
C THR D 293 -33.20 -4.40 30.46
N LYS D 294 -32.07 -4.94 30.88
CA LYS D 294 -31.45 -4.62 32.16
C LYS D 294 -30.02 -5.15 32.20
I IOD E . 4.10 -19.44 -7.65
I IOD F . 11.05 -16.27 -13.35
I IOD G . 9.49 -33.91 -9.26
I IOD H . 27.73 -29.87 -6.26
I IOD I . 11.79 -11.28 -13.27
I IOD J . -0.77 -13.47 -8.15
I IOD K . 8.84 -23.77 -15.57
I IOD L . 30.93 -2.57 -5.68
I IOD M . 19.30 -23.41 -24.13
I IOD N . 38.41 -7.31 -33.29
I IOD O . 26.28 14.63 -19.41
I IOD P . 6.65 -21.43 -17.40
I IOD Q . 37.75 0.16 -36.67
I IOD R . 32.15 -7.43 -2.24
I IOD S . 41.08 -1.96 -7.00
I IOD T . -14.11 -9.36 12.54
I IOD U . -0.04 -24.05 -2.48
I IOD V . 1.97 -23.23 1.76
I IOD W . -17.37 -8.03 -9.97
I IOD X . -16.16 -19.94 -11.09
I IOD Y . -7.47 -21.58 -0.01
I IOD Z . -15.59 14.83 4.23
I IOD AA . -23.04 22.46 24.08
I IOD BA . -33.97 8.03 32.99
I IOD CA . -43.51 9.30 9.61
I IOD DA . -13.74 24.53 45.40
I IOD EA . -39.19 17.87 25.94
I IOD FA . -22.01 23.46 23.28
#